data_6QP2
#
_entry.id   6QP2
#
_cell.length_a   54.751
_cell.length_b   113.633
_cell.length_c   118.099
_cell.angle_alpha   90.000
_cell.angle_beta   90.000
_cell.angle_gamma   90.000
#
_symmetry.space_group_name_H-M   'P 21 21 21'
#
loop_
_entity.id
_entity.type
_entity.pdbx_description
1 polymer Aminotransferase
2 polymer 'Polyhistidine tag'
3 non-polymer "PYRIDOXAL-5'-PHOSPHATE"
4 water water
#
loop_
_entity_poly.entity_id
_entity_poly.type
_entity_poly.pdbx_seq_one_letter_code
_entity_poly.pdbx_strand_id
1 'polypeptide(L)'
;MGGGFAVNYNFDEIIDRRYTNAMNVEGYKGYLFGDADTSDLKDNDELIRMWVADMDFGTPEVVLNAIRERLNKKILGYTN
VFGSEYYEAFVSWTKKRYGFTFSQEHLVFSHGIVAGLIELVGYICDKDDKALIVTPSYGPFKMACDKNHISTVYSPLINH
HGYYEIDFDDVRKKVETENIKLCIFANPHNPTGRVWSEEELATLGQIMKENDVWLISDEIHCDIKRSGQSHIPFAKAVPD
YDKIITTMSQSKAFNIAGLMFSNIIIQNESLLKTWNTHHFGTENPLSVVATQAAYEKGEGWLQAMNHYLDDNFNYLADFL
EKELPHAEFKIPEATYLAWVDLSYYIKEKDIDESMAKFFIKNAGVIIEGAEQFVHNAEGHIRINIAVPREVMKKGLQKIK
AALVENLYFQGHHHHHHHHHH
;
A,B
2 'polypeptide(L)' HHHHHH C
#
# COMPACT_ATOMS: atom_id res chain seq x y z
N TYR A 9 -22.23 -17.14 -15.79
CA TYR A 9 -21.42 -15.87 -15.90
C TYR A 9 -21.25 -15.53 -17.37
N ASN A 10 -21.13 -14.24 -17.66
CA ASN A 10 -21.07 -13.78 -19.03
C ASN A 10 -19.72 -13.12 -19.33
N PHE A 11 -18.75 -13.93 -19.73
CA PHE A 11 -17.40 -13.40 -20.00
C PHE A 11 -17.37 -12.64 -21.33
N ASP A 12 -18.46 -12.72 -22.11
CA ASP A 12 -18.56 -11.97 -23.34
C ASP A 12 -18.85 -10.48 -23.04
N GLU A 13 -19.27 -10.14 -21.82
CA GLU A 13 -19.72 -8.78 -21.56
C GLU A 13 -18.62 -7.74 -21.84
N ILE A 14 -18.99 -6.66 -22.54
CA ILE A 14 -18.10 -5.53 -22.83
C ILE A 14 -18.25 -4.55 -21.66
N ILE A 15 -17.20 -4.37 -20.87
CA ILE A 15 -17.25 -3.55 -19.70
C ILE A 15 -16.45 -2.28 -19.97
N ASP A 16 -17.12 -1.14 -19.84
CA ASP A 16 -16.52 0.17 -20.13
C ASP A 16 -15.46 0.46 -19.07
N ARG A 17 -14.24 0.76 -19.48
CA ARG A 17 -13.15 1.04 -18.53
C ARG A 17 -12.67 2.49 -18.64
N ARG A 18 -13.38 3.31 -19.44
CA ARG A 18 -13.03 4.74 -19.48
C ARG A 18 -13.40 5.36 -18.13
N TYR A 19 -12.75 6.48 -17.82
CA TYR A 19 -13.03 7.29 -16.64
C TYR A 19 -12.87 6.45 -15.35
N THR A 20 -11.91 5.51 -15.33
CA THR A 20 -11.63 4.74 -14.12
C THR A 20 -10.15 4.82 -13.70
N ASN A 21 -9.39 5.76 -14.29
CA ASN A 21 -7.95 5.91 -13.97
C ASN A 21 -7.23 4.57 -14.18
N ALA A 22 -7.73 3.71 -15.09
CA ALA A 22 -7.10 2.39 -15.34
C ALA A 22 -5.84 2.59 -16.19
N MET A 23 -4.73 1.99 -15.74
CA MET A 23 -3.46 2.03 -16.45
C MET A 23 -3.66 1.45 -17.86
N ASN A 24 -4.48 0.41 -17.95
CA ASN A 24 -4.71 -0.30 -19.19
C ASN A 24 -5.26 0.66 -20.26
N VAL A 25 -6.08 1.62 -19.83
CA VAL A 25 -6.75 2.55 -20.72
C VAL A 25 -5.91 3.83 -20.89
N GLU A 26 -5.32 4.32 -19.80
CA GLU A 26 -4.75 5.68 -19.79
C GLU A 26 -3.23 5.68 -20.00
N GLY A 27 -2.58 4.52 -19.80
CA GLY A 27 -1.13 4.45 -19.63
C GLY A 27 -0.31 4.59 -20.91
N TYR A 28 -0.94 4.54 -22.09
CA TYR A 28 -0.19 4.51 -23.37
C TYR A 28 -0.07 5.93 -23.95
N GLU A 46 -11.54 2.93 -29.83
CA GLU A 46 -10.56 3.14 -30.88
C GLU A 46 -9.56 1.95 -30.84
N LEU A 47 -8.55 2.04 -29.96
CA LEU A 47 -7.48 1.04 -29.86
C LEU A 47 -7.98 -0.22 -29.15
N ILE A 48 -7.47 -1.37 -29.59
CA ILE A 48 -7.76 -2.65 -28.98
C ILE A 48 -6.64 -2.95 -27.99
N ARG A 49 -7.03 -3.13 -26.72
CA ARG A 49 -6.07 -3.26 -25.62
C ARG A 49 -5.84 -4.75 -25.32
N MET A 50 -4.61 -5.23 -25.51
CA MET A 50 -4.20 -6.60 -25.22
CA MET A 50 -4.23 -6.60 -25.15
C MET A 50 -2.78 -6.60 -24.64
N TRP A 51 -2.53 -5.73 -23.64
CA TRP A 51 -1.15 -5.46 -23.18
C TRP A 51 -0.98 -5.74 -21.68
N VAL A 52 -1.19 -4.72 -20.84
CA VAL A 52 -1.06 -4.75 -19.38
C VAL A 52 -1.87 -5.92 -18.86
N ALA A 53 -1.30 -6.66 -17.90
CA ALA A 53 -1.91 -7.86 -17.36
C ALA A 53 -2.91 -7.57 -16.23
N ASP A 54 -4.06 -7.01 -16.60
CA ASP A 54 -5.33 -7.20 -15.84
C ASP A 54 -6.40 -7.64 -16.85
N MET A 55 -7.58 -8.08 -16.38
CA MET A 55 -8.56 -8.64 -17.28
C MET A 55 -9.54 -7.54 -17.69
N ASP A 56 -10.17 -7.73 -18.85
CA ASP A 56 -11.37 -6.99 -19.20
C ASP A 56 -12.63 -7.68 -18.67
N PHE A 57 -12.46 -8.86 -18.04
CA PHE A 57 -13.56 -9.53 -17.39
C PHE A 57 -13.87 -8.83 -16.05
N GLY A 58 -15.14 -8.88 -15.64
CA GLY A 58 -15.55 -8.30 -14.40
C GLY A 58 -14.93 -9.03 -13.23
N THR A 59 -14.43 -8.28 -12.25
CA THR A 59 -14.20 -8.83 -10.95
C THR A 59 -15.52 -9.44 -10.52
N PRO A 60 -15.56 -10.71 -10.07
CA PRO A 60 -16.84 -11.36 -9.85
C PRO A 60 -17.64 -10.70 -8.73
N GLU A 61 -18.95 -10.77 -8.88
CA GLU A 61 -19.87 -10.16 -7.93
C GLU A 61 -19.68 -10.72 -6.51
N VAL A 62 -19.28 -11.98 -6.32
CA VAL A 62 -19.09 -12.50 -4.93
C VAL A 62 -18.00 -11.68 -4.22
N VAL A 63 -16.99 -11.21 -4.97
CA VAL A 63 -15.96 -10.35 -4.40
C VAL A 63 -16.50 -8.92 -4.21
N LEU A 64 -17.10 -8.34 -5.25
CA LEU A 64 -17.58 -6.98 -5.14
C LEU A 64 -18.62 -6.85 -4.00
N ASN A 65 -19.43 -7.89 -3.79
CA ASN A 65 -20.50 -7.86 -2.79
C ASN A 65 -19.87 -7.95 -1.39
N ALA A 66 -18.78 -8.70 -1.24
CA ALA A 66 -18.04 -8.73 0.04
C ALA A 66 -17.51 -7.34 0.36
N ILE A 67 -17.00 -6.59 -0.64
CA ILE A 67 -16.60 -5.20 -0.41
C ILE A 67 -17.83 -4.34 -0.02
N ARG A 68 -18.95 -4.48 -0.72
CA ARG A 68 -20.16 -3.69 -0.44
C ARG A 68 -20.65 -3.92 1.00
N GLU A 69 -20.58 -5.15 1.51
N GLU A 69 -20.60 -5.19 1.43
CA GLU A 69 -21.07 -5.42 2.86
CA GLU A 69 -20.93 -5.65 2.78
C GLU A 69 -20.07 -4.90 3.89
C GLU A 69 -20.08 -4.84 3.78
N ARG A 70 -18.77 -4.84 3.55
CA ARG A 70 -17.80 -4.17 4.39
C ARG A 70 -18.08 -2.65 4.46
N LEU A 71 -18.52 -2.01 3.37
CA LEU A 71 -18.86 -0.59 3.38
C LEU A 71 -20.07 -0.32 4.29
N ASN A 72 -20.99 -1.28 4.39
CA ASN A 72 -22.20 -1.13 5.22
C ASN A 72 -21.84 -1.08 6.72
N LYS A 73 -20.62 -1.45 7.09
CA LYS A 73 -20.16 -1.29 8.47
C LYS A 73 -19.57 0.10 8.71
N LYS A 74 -19.61 0.95 7.68
CA LYS A 74 -19.52 2.43 7.75
C LYS A 74 -18.17 3.00 8.17
N ILE A 75 -17.29 2.20 8.80
CA ILE A 75 -15.98 2.78 9.22
C ILE A 75 -14.82 2.10 8.47
N LEU A 76 -13.94 2.91 7.89
CA LEU A 76 -12.75 2.36 7.16
C LEU A 76 -11.43 2.75 7.84
N GLY A 77 -11.30 2.31 9.10
CA GLY A 77 -10.17 2.64 9.95
C GLY A 77 -9.01 1.69 9.81
N TYR A 78 -8.07 1.80 10.77
CA TYR A 78 -6.91 0.96 10.79
C TYR A 78 -7.33 -0.50 10.87
N THR A 79 -6.66 -1.33 10.08
CA THR A 79 -7.01 -2.74 9.92
C THR A 79 -5.73 -3.58 9.90
N ASN A 80 -5.80 -4.78 10.46
CA ASN A 80 -4.77 -5.80 10.28
C ASN A 80 -5.50 -7.14 10.20
N VAL A 81 -4.80 -8.17 9.73
CA VAL A 81 -5.35 -9.50 9.69
C VAL A 81 -5.22 -10.08 11.11
N PHE A 82 -6.34 -10.14 11.84
CA PHE A 82 -6.41 -10.64 13.21
C PHE A 82 -7.08 -12.01 13.22
N GLY A 83 -6.76 -12.85 14.20
CA GLY A 83 -7.43 -14.13 14.31
C GLY A 83 -6.94 -15.06 13.22
N SER A 84 -7.70 -16.12 12.94
CA SER A 84 -7.18 -17.14 12.04
C SER A 84 -8.12 -17.38 10.86
N GLU A 85 -9.18 -16.59 10.72
CA GLU A 85 -10.18 -16.81 9.68
C GLU A 85 -9.56 -16.63 8.30
N TYR A 86 -8.77 -15.58 8.10
CA TYR A 86 -8.13 -15.35 6.79
C TYR A 86 -7.16 -16.49 6.48
N TYR A 87 -6.27 -16.80 7.44
CA TYR A 87 -5.37 -17.91 7.31
C TYR A 87 -6.15 -19.19 6.96
N GLU A 88 -7.27 -19.47 7.65
CA GLU A 88 -8.01 -20.72 7.41
C GLU A 88 -8.51 -20.77 5.96
N ALA A 89 -8.98 -19.63 5.44
CA ALA A 89 -9.52 -19.56 4.09
C ALA A 89 -8.40 -19.79 3.07
N PHE A 90 -7.24 -19.14 3.27
CA PHE A 90 -6.13 -19.24 2.35
C PHE A 90 -5.52 -20.65 2.35
N VAL A 91 -5.25 -21.25 3.53
CA VAL A 91 -4.61 -22.55 3.56
C VAL A 91 -5.59 -23.64 3.13
N SER A 92 -6.90 -23.42 3.31
CA SER A 92 -7.89 -24.36 2.85
C SER A 92 -7.87 -24.40 1.33
N TRP A 93 -7.69 -23.23 0.70
CA TRP A 93 -7.55 -23.13 -0.76
C TRP A 93 -6.33 -23.89 -1.25
N THR A 94 -5.15 -23.64 -0.65
CA THR A 94 -3.92 -24.28 -1.08
C THR A 94 -3.93 -25.79 -0.80
N LYS A 95 -4.59 -26.21 0.27
CA LYS A 95 -4.65 -27.61 0.60
C LYS A 95 -5.56 -28.34 -0.40
N LYS A 96 -6.77 -27.81 -0.65
CA LYS A 96 -7.73 -28.43 -1.59
C LYS A 96 -7.18 -28.45 -3.02
N ARG A 97 -6.50 -27.39 -3.43
CA ARG A 97 -6.18 -27.23 -4.83
C ARG A 97 -4.82 -27.84 -5.17
N TYR A 98 -3.83 -27.75 -4.27
CA TYR A 98 -2.51 -28.25 -4.59
C TYR A 98 -1.99 -29.24 -3.56
N GLY A 99 -2.75 -29.49 -2.48
CA GLY A 99 -2.29 -30.32 -1.39
C GLY A 99 -1.12 -29.70 -0.65
N PHE A 100 -1.06 -28.37 -0.63
CA PHE A 100 -0.02 -27.62 0.01
C PHE A 100 -0.56 -26.96 1.29
N THR A 101 0.15 -27.20 2.40
CA THR A 101 -0.17 -26.55 3.68
C THR A 101 1.10 -25.84 4.17
N PHE A 102 0.91 -24.83 5.02
CA PHE A 102 1.94 -23.99 5.58
C PHE A 102 1.43 -23.45 6.91
N SER A 103 2.35 -22.97 7.75
CA SER A 103 2.03 -22.54 9.10
C SER A 103 1.56 -21.09 9.09
N GLN A 104 0.55 -20.81 9.93
CA GLN A 104 0.01 -19.45 10.07
C GLN A 104 1.14 -18.47 10.46
N GLU A 105 2.13 -18.92 11.28
CA GLU A 105 3.22 -17.99 11.75
C GLU A 105 4.03 -17.46 10.56
N HIS A 106 4.07 -18.24 9.50
CA HIS A 106 4.93 -17.93 8.35
C HIS A 106 4.26 -16.96 7.37
N LEU A 107 2.96 -16.67 7.56
CA LEU A 107 2.19 -15.84 6.62
C LEU A 107 2.25 -14.36 7.01
N VAL A 108 2.79 -13.55 6.09
CA VAL A 108 2.87 -12.10 6.21
C VAL A 108 2.30 -11.51 4.92
N PHE A 109 2.16 -10.18 4.85
CA PHE A 109 1.44 -9.54 3.77
C PHE A 109 2.24 -8.39 3.18
N SER A 110 2.09 -8.19 1.86
CA SER A 110 2.63 -7.02 1.20
C SER A 110 1.52 -6.35 0.38
N HIS A 111 1.80 -5.14 -0.09
CA HIS A 111 0.85 -4.36 -0.89
C HIS A 111 1.15 -4.62 -2.37
N GLY A 112 0.85 -5.83 -2.81
CA GLY A 112 1.26 -6.27 -4.14
C GLY A 112 2.56 -7.06 -4.09
N ILE A 113 2.79 -7.87 -5.13
CA ILE A 113 3.88 -8.81 -5.09
C ILE A 113 5.21 -8.07 -5.32
N VAL A 114 5.24 -7.10 -6.23
CA VAL A 114 6.45 -6.37 -6.53
C VAL A 114 6.90 -5.57 -5.29
N ALA A 115 5.98 -4.94 -4.58
CA ALA A 115 6.32 -4.27 -3.31
C ALA A 115 6.95 -5.28 -2.35
N GLY A 116 6.42 -6.51 -2.30
CA GLY A 116 6.98 -7.55 -1.49
C GLY A 116 8.40 -7.91 -1.92
N LEU A 117 8.62 -8.04 -3.24
CA LEU A 117 9.92 -8.48 -3.75
C LEU A 117 10.98 -7.41 -3.41
N ILE A 118 10.62 -6.13 -3.56
CA ILE A 118 11.57 -5.05 -3.33
C ILE A 118 12.08 -5.12 -1.88
N GLU A 119 11.18 -5.44 -0.95
CA GLU A 119 11.52 -5.55 0.47
C GLU A 119 12.33 -6.82 0.72
N LEU A 120 11.87 -7.98 0.22
CA LEU A 120 12.58 -9.23 0.46
C LEU A 120 14.01 -9.15 -0.10
N VAL A 121 14.19 -8.51 -1.26
CA VAL A 121 15.52 -8.50 -1.91
C VAL A 121 16.51 -7.72 -1.03
N GLY A 122 16.06 -6.56 -0.50
CA GLY A 122 16.86 -5.75 0.41
C GLY A 122 17.24 -6.50 1.68
N TYR A 123 16.33 -7.34 2.21
CA TYR A 123 16.61 -8.08 3.45
C TYR A 123 17.59 -9.22 3.19
N ILE A 124 17.51 -9.84 2.01
CA ILE A 124 18.24 -11.05 1.76
C ILE A 124 19.66 -10.75 1.25
N CYS A 125 19.81 -9.71 0.45
CA CYS A 125 21.03 -9.51 -0.37
C CYS A 125 21.88 -8.36 0.19
N ASP A 126 23.19 -8.55 0.18
CA ASP A 126 24.10 -7.41 0.44
C ASP A 126 24.42 -6.74 -0.90
N LYS A 127 25.08 -5.58 -0.89
CA LYS A 127 25.36 -4.84 -2.14
C LYS A 127 26.23 -5.60 -3.15
N ASP A 128 27.07 -6.55 -2.75
CA ASP A 128 27.89 -7.26 -3.77
C ASP A 128 27.33 -8.65 -4.08
N ASP A 129 26.13 -8.94 -3.58
CA ASP A 129 25.45 -10.18 -3.90
C ASP A 129 24.81 -10.01 -5.29
N LYS A 130 24.56 -11.12 -5.94
CA LYS A 130 23.84 -11.13 -7.23
C LYS A 130 22.54 -11.94 -7.13
N ALA A 131 21.58 -11.63 -8.01
CA ALA A 131 20.39 -12.45 -8.14
C ALA A 131 20.35 -13.10 -9.53
N LEU A 132 19.76 -14.29 -9.62
CA LEU A 132 19.58 -15.06 -10.84
C LEU A 132 18.09 -15.04 -11.24
N ILE A 133 17.81 -14.73 -12.52
CA ILE A 133 16.45 -14.91 -13.06
C ILE A 133 16.55 -15.73 -14.35
N VAL A 134 15.55 -16.58 -14.59
CA VAL A 134 15.50 -17.19 -15.91
C VAL A 134 14.82 -16.19 -16.84
N THR A 135 15.17 -16.24 -18.13
CA THR A 135 14.73 -15.25 -19.11
C THR A 135 14.17 -15.97 -20.33
N PRO A 136 13.14 -15.40 -20.98
CA PRO A 136 12.57 -14.10 -20.68
C PRO A 136 11.83 -14.04 -19.33
N SER A 137 11.66 -12.84 -18.79
CA SER A 137 11.17 -12.67 -17.44
C SER A 137 10.20 -11.49 -17.34
N TYR A 138 9.28 -11.61 -16.38
CA TYR A 138 8.56 -10.47 -15.84
C TYR A 138 9.57 -9.38 -15.43
N GLY A 139 9.41 -8.19 -15.99
CA GLY A 139 10.34 -7.05 -15.85
C GLY A 139 10.65 -6.70 -14.39
N PRO A 140 9.63 -6.57 -13.52
CA PRO A 140 9.88 -6.24 -12.12
C PRO A 140 10.79 -7.17 -11.29
N PHE A 141 11.04 -8.41 -11.71
CA PHE A 141 12.07 -9.25 -11.07
C PHE A 141 13.41 -8.49 -11.13
N LYS A 142 13.74 -8.00 -12.34
CA LYS A 142 14.95 -7.21 -12.53
C LYS A 142 14.85 -5.88 -11.77
N MET A 143 13.73 -5.18 -11.91
CA MET A 143 13.58 -3.85 -11.31
C MET A 143 13.77 -3.95 -9.79
N ALA A 144 13.30 -5.03 -9.17
CA ALA A 144 13.39 -5.20 -7.73
C ALA A 144 14.85 -5.36 -7.28
N CYS A 145 15.68 -5.93 -8.16
CA CYS A 145 17.11 -6.04 -7.93
C CYS A 145 17.77 -4.67 -8.14
N ASP A 146 17.42 -3.98 -9.25
CA ASP A 146 17.94 -2.64 -9.59
C ASP A 146 17.75 -1.66 -8.41
N LYS A 147 16.54 -1.62 -7.84
CA LYS A 147 16.18 -0.71 -6.74
C LYS A 147 17.02 -0.98 -5.48
N ASN A 148 17.48 -2.21 -5.29
CA ASN A 148 18.27 -2.58 -4.12
C ASN A 148 19.76 -2.62 -4.48
N HIS A 149 20.12 -2.11 -5.67
CA HIS A 149 21.49 -2.06 -6.19
C HIS A 149 22.09 -3.47 -6.27
N ILE A 150 21.28 -4.45 -6.71
CA ILE A 150 21.70 -5.84 -6.84
C ILE A 150 21.81 -6.17 -8.33
N SER A 151 22.95 -6.73 -8.73
CA SER A 151 23.20 -7.12 -10.11
C SER A 151 22.46 -8.42 -10.41
N THR A 152 21.86 -8.48 -11.60
CA THR A 152 21.14 -9.66 -12.03
C THR A 152 21.96 -10.48 -13.03
N VAL A 153 21.92 -11.79 -12.88
CA VAL A 153 22.45 -12.73 -13.84
C VAL A 153 21.28 -13.38 -14.58
N TYR A 154 21.35 -13.51 -15.91
CA TYR A 154 20.28 -14.18 -16.69
C TYR A 154 20.66 -15.62 -17.03
N SER A 155 19.70 -16.53 -16.87
CA SER A 155 19.83 -17.84 -17.41
C SER A 155 18.72 -18.02 -18.43
N PRO A 156 19.04 -17.96 -19.74
CA PRO A 156 17.98 -18.08 -20.74
C PRO A 156 17.38 -19.49 -20.77
N LEU A 157 16.05 -19.53 -20.72
CA LEU A 157 15.29 -20.74 -20.99
C LEU A 157 15.55 -21.18 -22.44
N ILE A 158 15.43 -22.49 -22.67
CA ILE A 158 15.63 -23.15 -23.96
C ILE A 158 14.27 -23.54 -24.57
N ASN A 159 14.20 -23.49 -25.91
CA ASN A 159 12.98 -23.60 -26.71
C ASN A 159 12.91 -24.90 -27.56
N HIS A 160 13.66 -25.95 -27.22
CA HIS A 160 14.02 -27.00 -28.24
C HIS A 160 12.89 -28.01 -28.51
N HIS A 161 11.95 -28.21 -27.56
CA HIS A 161 10.76 -29.08 -27.82
C HIS A 161 9.52 -28.26 -28.23
N GLY A 162 9.67 -26.93 -28.34
CA GLY A 162 8.55 -25.99 -28.58
C GLY A 162 8.09 -25.32 -27.28
N TYR A 163 7.88 -26.14 -26.24
CA TYR A 163 7.73 -25.60 -24.90
C TYR A 163 9.12 -25.18 -24.40
N TYR A 164 9.13 -24.22 -23.49
CA TYR A 164 10.36 -23.73 -22.89
C TYR A 164 10.75 -24.62 -21.71
N GLU A 165 12.05 -24.69 -21.46
CA GLU A 165 12.66 -25.55 -20.46
C GLU A 165 13.80 -24.79 -19.79
N ILE A 166 14.09 -25.18 -18.55
CA ILE A 166 15.24 -24.61 -17.83
C ILE A 166 16.52 -25.30 -18.33
N ASP A 167 17.55 -24.49 -18.55
CA ASP A 167 18.88 -24.98 -18.84
C ASP A 167 19.63 -25.24 -17.51
N PHE A 168 19.51 -26.44 -16.96
CA PHE A 168 20.01 -26.70 -15.60
C PHE A 168 21.54 -26.58 -15.56
N ASP A 169 22.21 -26.92 -16.66
CA ASP A 169 23.65 -26.86 -16.72
C ASP A 169 24.10 -25.41 -16.59
N ASP A 170 23.43 -24.52 -17.33
CA ASP A 170 23.67 -23.10 -17.27
C ASP A 170 23.40 -22.58 -15.84
N VAL A 171 22.26 -23.00 -15.27
CA VAL A 171 21.90 -22.56 -13.93
C VAL A 171 22.99 -23.00 -12.93
N ARG A 172 23.35 -24.29 -12.95
CA ARG A 172 24.37 -24.85 -12.01
C ARG A 172 25.68 -24.04 -12.15
N LYS A 173 26.11 -23.81 -13.40
CA LYS A 173 27.37 -23.14 -13.68
C LYS A 173 27.36 -21.75 -13.03
N LYS A 174 26.28 -20.98 -13.25
CA LYS A 174 26.27 -19.60 -12.83
C LYS A 174 26.21 -19.50 -11.29
N VAL A 175 25.46 -20.43 -10.67
CA VAL A 175 25.26 -20.44 -9.22
C VAL A 175 26.58 -20.83 -8.51
N GLU A 176 27.34 -21.75 -9.13
CA GLU A 176 28.59 -22.27 -8.55
C GLU A 176 29.71 -21.25 -8.73
N THR A 177 29.77 -20.61 -9.90
CA THR A 177 30.94 -19.82 -10.27
C THR A 177 30.74 -18.36 -9.85
N GLU A 178 29.49 -17.91 -9.70
CA GLU A 178 29.21 -16.52 -9.38
C GLU A 178 28.57 -16.41 -7.98
N ASN A 179 28.59 -15.19 -7.45
CA ASN A 179 28.08 -14.98 -6.11
C ASN A 179 26.58 -14.70 -6.16
N ILE A 180 25.83 -15.74 -6.50
CA ILE A 180 24.38 -15.63 -6.53
C ILE A 180 23.82 -15.95 -5.15
N LYS A 181 23.14 -14.97 -4.55
CA LYS A 181 22.54 -15.08 -3.23
C LYS A 181 21.07 -15.51 -3.33
N LEU A 182 20.43 -15.15 -4.43
CA LEU A 182 18.99 -15.22 -4.54
C LEU A 182 18.61 -15.54 -5.98
N CYS A 183 17.64 -16.45 -6.13
CA CYS A 183 16.90 -16.66 -7.39
C CYS A 183 15.45 -16.20 -7.25
N ILE A 184 15.00 -15.31 -8.15
CA ILE A 184 13.60 -14.89 -8.23
C ILE A 184 12.98 -15.68 -9.38
N PHE A 185 11.94 -16.48 -9.09
CA PHE A 185 11.45 -17.47 -10.00
C PHE A 185 9.91 -17.37 -10.08
N ALA A 186 9.37 -17.38 -11.30
CA ALA A 186 7.91 -17.38 -11.52
C ALA A 186 7.41 -18.81 -11.77
N ASN A 187 6.46 -19.27 -10.96
CA ASN A 187 5.90 -20.62 -10.97
C ASN A 187 4.39 -20.50 -10.80
N PRO A 188 3.61 -20.47 -11.91
CA PRO A 188 4.01 -20.66 -13.29
C PRO A 188 4.71 -19.45 -13.90
N HIS A 189 5.32 -19.66 -15.08
CA HIS A 189 6.23 -18.64 -15.63
C HIS A 189 5.48 -17.59 -16.46
N ASN A 190 5.92 -16.33 -16.35
CA ASN A 190 5.52 -15.22 -17.22
C ASN A 190 6.80 -14.75 -17.93
N PRO A 191 6.87 -14.73 -19.27
CA PRO A 191 5.76 -14.84 -20.21
C PRO A 191 5.50 -16.15 -20.94
N THR A 192 6.26 -17.22 -20.63
CA THR A 192 6.19 -18.47 -21.40
C THR A 192 4.97 -19.33 -21.00
N GLY A 193 4.43 -19.11 -19.81
CA GLY A 193 3.29 -19.83 -19.31
C GLY A 193 3.63 -21.18 -18.72
N ARG A 194 4.91 -21.53 -18.59
CA ARG A 194 5.24 -22.90 -18.13
C ARG A 194 4.68 -23.17 -16.74
N VAL A 195 4.04 -24.34 -16.60
CA VAL A 195 3.67 -24.92 -15.32
C VAL A 195 4.72 -26.00 -15.01
N TRP A 196 5.62 -25.70 -14.09
CA TRP A 196 6.78 -26.54 -13.89
C TRP A 196 6.33 -27.83 -13.21
N SER A 197 6.93 -28.93 -13.62
CA SER A 197 6.63 -30.23 -13.06
C SER A 197 7.35 -30.35 -11.71
N GLU A 198 6.93 -31.35 -10.92
CA GLU A 198 7.59 -31.62 -9.65
C GLU A 198 9.10 -31.83 -9.89
N GLU A 199 9.45 -32.57 -10.94
CA GLU A 199 10.85 -32.92 -11.20
C GLU A 199 11.66 -31.68 -11.55
N GLU A 200 11.12 -30.81 -12.41
CA GLU A 200 11.78 -29.55 -12.75
C GLU A 200 12.08 -28.73 -11.49
N LEU A 201 11.08 -28.59 -10.62
CA LEU A 201 11.19 -27.80 -9.42
C LEU A 201 12.18 -28.45 -8.44
N ALA A 202 12.09 -29.77 -8.27
CA ALA A 202 12.96 -30.50 -7.32
C ALA A 202 14.43 -30.37 -7.76
N THR A 203 14.66 -30.48 -9.07
CA THR A 203 15.99 -30.31 -9.64
C THR A 203 16.52 -28.91 -9.37
N LEU A 204 15.74 -27.87 -9.70
CA LEU A 204 16.17 -26.49 -9.47
C LEU A 204 16.41 -26.23 -7.98
N GLY A 205 15.48 -26.71 -7.14
CA GLY A 205 15.57 -26.54 -5.68
C GLY A 205 16.86 -27.14 -5.13
N GLN A 206 17.25 -28.30 -5.65
CA GLN A 206 18.45 -29.03 -5.20
C GLN A 206 19.71 -28.20 -5.52
N ILE A 207 19.74 -27.59 -6.71
CA ILE A 207 20.83 -26.72 -7.10
C ILE A 207 20.95 -25.55 -6.12
N MET A 208 19.80 -24.96 -5.78
CA MET A 208 19.75 -23.79 -4.93
C MET A 208 20.19 -24.15 -3.51
N LYS A 209 19.74 -25.30 -3.04
CA LYS A 209 20.05 -25.76 -1.68
C LYS A 209 21.55 -26.04 -1.54
N GLU A 210 22.14 -26.75 -2.50
CA GLU A 210 23.56 -27.10 -2.48
C GLU A 210 24.43 -25.83 -2.44
N ASN A 211 23.96 -24.72 -3.01
CA ASN A 211 24.77 -23.52 -3.13
C ASN A 211 24.29 -22.41 -2.18
N ASP A 212 23.44 -22.74 -1.21
CA ASP A 212 22.90 -21.78 -0.23
CA ASP A 212 22.94 -21.75 -0.23
C ASP A 212 22.29 -20.56 -0.94
N VAL A 213 21.43 -20.83 -1.93
CA VAL A 213 20.75 -19.75 -2.66
C VAL A 213 19.29 -19.74 -2.18
N TRP A 214 18.84 -18.55 -1.80
CA TRP A 214 17.47 -18.27 -1.42
C TRP A 214 16.62 -18.33 -2.69
N LEU A 215 15.37 -18.79 -2.58
CA LEU A 215 14.50 -18.74 -3.74
C LEU A 215 13.15 -18.12 -3.37
N ILE A 216 12.76 -17.09 -4.14
CA ILE A 216 11.44 -16.49 -4.06
C ILE A 216 10.66 -17.08 -5.23
N SER A 217 9.61 -17.85 -4.93
CA SER A 217 8.75 -18.47 -5.93
C SER A 217 7.46 -17.62 -6.01
N ASP A 218 7.32 -16.90 -7.12
CA ASP A 218 6.20 -16.03 -7.34
C ASP A 218 5.11 -16.81 -8.09
N GLU A 219 4.03 -17.12 -7.37
CA GLU A 219 3.03 -18.10 -7.84
C GLU A 219 1.70 -17.38 -8.11
N ILE A 220 1.79 -16.11 -8.48
CA ILE A 220 0.60 -15.31 -8.72
C ILE A 220 -0.28 -15.87 -9.87
N HIS A 221 0.28 -16.61 -10.83
CA HIS A 221 -0.54 -17.15 -11.94
C HIS A 221 -1.06 -18.57 -11.65
N CYS A 222 -0.84 -19.07 -10.44
CA CYS A 222 -0.97 -20.50 -10.18
C CYS A 222 -2.41 -21.03 -10.35
N ASP A 223 -3.44 -20.17 -10.28
CA ASP A 223 -4.83 -20.61 -10.46
C ASP A 223 -5.39 -20.25 -11.85
N ILE A 224 -4.56 -19.69 -12.73
CA ILE A 224 -4.97 -19.39 -14.08
C ILE A 224 -4.24 -20.40 -14.99
N LYS A 225 -4.91 -21.51 -15.31
CA LYS A 225 -4.21 -22.54 -16.05
C LYS A 225 -5.18 -23.40 -16.85
N ARG A 226 -4.60 -24.05 -17.85
CA ARG A 226 -5.38 -24.87 -18.77
C ARG A 226 -5.92 -26.09 -18.01
N SER A 227 -7.06 -26.59 -18.47
CA SER A 227 -7.78 -27.70 -17.81
C SER A 227 -6.87 -28.91 -17.49
N GLY A 228 -5.91 -29.22 -18.36
CA GLY A 228 -5.07 -30.40 -18.21
C GLY A 228 -3.80 -30.18 -17.42
N GLN A 229 -3.69 -29.03 -16.72
CA GLN A 229 -2.49 -28.69 -15.96
C GLN A 229 -2.81 -28.60 -14.45
N SER A 230 -1.80 -28.93 -13.65
CA SER A 230 -1.85 -28.93 -12.18
C SER A 230 -0.64 -28.17 -11.66
N HIS A 231 -0.90 -27.30 -10.67
CA HIS A 231 0.13 -26.47 -10.07
C HIS A 231 0.77 -27.20 -8.88
N ILE A 232 2.08 -27.22 -8.85
CA ILE A 232 2.83 -27.66 -7.64
C ILE A 232 3.61 -26.47 -7.07
N PRO A 233 3.28 -25.99 -5.86
CA PRO A 233 4.07 -24.92 -5.23
C PRO A 233 5.52 -25.37 -5.07
N PHE A 234 6.45 -24.43 -5.23
CA PHE A 234 7.85 -24.73 -5.09
C PHE A 234 8.11 -25.34 -3.71
N ALA A 235 7.44 -24.82 -2.68
CA ALA A 235 7.65 -25.25 -1.28
C ALA A 235 6.98 -26.61 -1.00
N LYS A 236 6.11 -27.06 -1.92
CA LYS A 236 5.53 -28.44 -1.92
C LYS A 236 6.53 -29.40 -2.57
N ALA A 237 7.11 -29.01 -3.71
CA ALA A 237 8.07 -29.81 -4.47
C ALA A 237 9.36 -30.00 -3.66
N VAL A 238 9.73 -28.95 -2.92
CA VAL A 238 10.98 -28.90 -2.17
C VAL A 238 10.60 -28.53 -0.73
N PRO A 239 10.02 -29.49 0.01
CA PRO A 239 9.46 -29.18 1.33
C PRO A 239 10.46 -29.01 2.48
N ASP A 240 11.70 -29.49 2.33
N ASP A 240 11.75 -29.23 2.13
CA ASP A 240 12.71 -29.41 3.41
CA ASP A 240 12.86 -29.57 3.00
C ASP A 240 13.80 -28.43 3.00
C ASP A 240 13.70 -28.32 3.34
N TYR A 241 13.41 -27.20 2.66
CA TYR A 241 14.38 -26.09 2.48
C TYR A 241 13.71 -24.77 2.83
N ASP A 242 14.18 -24.17 3.93
CA ASP A 242 13.39 -23.11 4.56
C ASP A 242 13.71 -21.76 3.90
N LYS A 243 14.57 -21.77 2.87
CA LYS A 243 14.88 -20.53 2.16
C LYS A 243 14.05 -20.43 0.89
N ILE A 244 13.02 -21.26 0.76
CA ILE A 244 11.98 -21.06 -0.26
C ILE A 244 10.89 -20.14 0.31
N ILE A 245 10.73 -18.98 -0.32
CA ILE A 245 9.71 -17.99 0.02
C ILE A 245 8.65 -18.05 -1.08
N THR A 246 7.38 -18.13 -0.68
CA THR A 246 6.28 -18.25 -1.60
C THR A 246 5.47 -16.96 -1.61
N THR A 247 5.09 -16.48 -2.80
CA THR A 247 4.21 -15.34 -2.90
C THR A 247 3.01 -15.76 -3.74
N MET A 248 1.81 -15.52 -3.19
CA MET A 248 0.56 -15.78 -3.82
C MET A 248 -0.40 -14.62 -3.55
N SER A 249 -1.34 -14.39 -4.47
CA SER A 249 -2.33 -13.36 -4.40
CA SER A 249 -2.43 -13.48 -4.24
C SER A 249 -3.58 -13.80 -5.19
N GLN A 250 -4.68 -13.09 -5.00
CA GLN A 250 -5.82 -13.24 -5.88
C GLN A 250 -5.85 -12.10 -6.90
N SER A 251 -4.84 -11.27 -6.91
CA SER A 251 -4.88 -10.09 -7.82
C SER A 251 -5.04 -10.47 -9.29
N LYS A 252 -4.32 -11.48 -9.76
CA LYS A 252 -4.41 -11.84 -11.20
C LYS A 252 -5.69 -12.64 -11.48
N ALA A 253 -5.83 -13.68 -10.64
CA ALA A 253 -6.98 -14.60 -10.83
C ALA A 253 -8.35 -13.92 -10.67
N PHE A 254 -8.49 -12.91 -9.82
CA PHE A 254 -9.82 -12.29 -9.58
C PHE A 254 -9.88 -10.82 -10.05
N ASN A 255 -8.85 -10.35 -10.77
CA ASN A 255 -8.85 -9.03 -11.36
C ASN A 255 -9.01 -7.96 -10.27
N ILE A 256 -8.18 -8.09 -9.23
CA ILE A 256 -8.18 -7.13 -8.11
C ILE A 256 -6.77 -6.62 -7.83
N ALA A 257 -5.98 -6.41 -8.90
CA ALA A 257 -4.63 -5.87 -8.77
C ALA A 257 -4.64 -4.51 -8.07
N GLY A 258 -5.66 -3.69 -8.32
CA GLY A 258 -5.82 -2.38 -7.69
C GLY A 258 -5.88 -2.44 -6.17
N LEU A 259 -6.25 -3.60 -5.58
CA LEU A 259 -6.48 -3.67 -4.15
C LEU A 259 -5.16 -3.93 -3.42
N MET A 260 -4.11 -4.33 -4.16
CA MET A 260 -2.74 -4.36 -3.67
C MET A 260 -2.60 -5.08 -2.34
N PHE A 261 -2.94 -6.37 -2.33
CA PHE A 261 -2.87 -7.19 -1.13
C PHE A 261 -2.39 -8.57 -1.53
N SER A 262 -1.26 -9.00 -0.97
CA SER A 262 -0.54 -10.17 -1.40
C SER A 262 -0.13 -10.96 -0.17
N ASN A 263 -0.05 -12.28 -0.32
CA ASN A 263 0.42 -13.17 0.68
C ASN A 263 1.90 -13.52 0.45
N ILE A 264 2.67 -13.55 1.53
CA ILE A 264 4.09 -13.97 1.49
C ILE A 264 4.28 -15.00 2.60
N ILE A 265 4.78 -16.18 2.28
CA ILE A 265 5.00 -17.24 3.22
C ILE A 265 6.52 -17.37 3.41
N ILE A 266 6.99 -16.95 4.59
CA ILE A 266 8.42 -16.98 4.94
C ILE A 266 8.61 -18.06 6.00
N GLN A 267 9.31 -19.13 5.62
CA GLN A 267 9.52 -20.29 6.50
C GLN A 267 10.83 -20.15 7.27
N ASN A 268 11.67 -19.19 6.89
CA ASN A 268 12.96 -18.94 7.56
C ASN A 268 12.76 -17.97 8.73
N GLU A 269 13.10 -18.42 9.95
CA GLU A 269 12.78 -17.71 11.19
C GLU A 269 13.47 -16.34 11.22
N SER A 270 14.73 -16.27 10.75
CA SER A 270 15.50 -15.02 10.81
C SER A 270 14.88 -13.95 9.91
N LEU A 271 14.58 -14.36 8.67
CA LEU A 271 14.00 -13.44 7.71
C LEU A 271 12.62 -13.02 8.23
N LEU A 272 11.86 -13.97 8.78
CA LEU A 272 10.51 -13.73 9.30
C LEU A 272 10.57 -12.67 10.41
N LYS A 273 11.61 -12.77 11.26
CA LYS A 273 11.86 -11.83 12.36
C LYS A 273 12.20 -10.45 11.79
N THR A 274 13.09 -10.40 10.79
CA THR A 274 13.40 -9.14 10.09
C THR A 274 12.11 -8.52 9.53
N TRP A 275 11.27 -9.35 8.90
CA TRP A 275 10.02 -8.88 8.34
C TRP A 275 9.15 -8.33 9.47
N ASN A 276 9.00 -9.11 10.53
CA ASN A 276 8.13 -8.72 11.64
C ASN A 276 8.69 -7.48 12.37
N THR A 277 10.02 -7.37 12.50
CA THR A 277 10.70 -6.18 13.08
C THR A 277 10.62 -5.00 12.10
N HIS A 278 11.39 -5.08 11.02
CA HIS A 278 11.66 -3.93 10.16
C HIS A 278 10.46 -3.67 9.23
N HIS A 279 9.51 -4.61 9.11
CA HIS A 279 8.37 -4.38 8.19
C HIS A 279 7.26 -3.60 8.89
N PHE A 280 7.08 -2.35 8.46
CA PHE A 280 5.91 -1.55 8.79
C PHE A 280 4.73 -2.00 7.91
N GLY A 281 3.68 -2.52 8.55
CA GLY A 281 2.57 -3.18 7.85
C GLY A 281 1.22 -2.91 8.51
N THR A 282 0.33 -2.26 7.75
CA THR A 282 -1.09 -2.12 8.09
C THR A 282 -1.88 -2.45 6.81
N GLU A 283 -3.14 -2.89 6.92
CA GLU A 283 -3.81 -3.46 5.73
C GLU A 283 -5.04 -2.64 5.36
N ASN A 284 -5.48 -2.79 4.12
CA ASN A 284 -6.69 -2.12 3.65
C ASN A 284 -7.86 -3.08 3.90
N PRO A 285 -8.88 -2.65 4.67
CA PRO A 285 -9.99 -3.56 5.02
C PRO A 285 -10.75 -4.00 3.75
N LEU A 286 -10.83 -3.13 2.74
CA LEU A 286 -11.60 -3.53 1.51
C LEU A 286 -10.80 -4.59 0.75
N SER A 287 -9.45 -4.43 0.73
CA SER A 287 -8.56 -5.38 0.06
C SER A 287 -8.61 -6.74 0.75
N VAL A 288 -8.62 -6.74 2.08
CA VAL A 288 -8.58 -7.99 2.84
C VAL A 288 -9.90 -8.72 2.64
N VAL A 289 -11.02 -8.00 2.71
CA VAL A 289 -12.32 -8.70 2.61
C VAL A 289 -12.44 -9.25 1.19
N ALA A 290 -11.99 -8.49 0.20
CA ALA A 290 -12.11 -8.92 -1.24
C ALA A 290 -11.32 -10.20 -1.49
N THR A 291 -10.08 -10.24 -1.00
CA THR A 291 -9.22 -11.39 -1.16
C THR A 291 -9.79 -12.60 -0.40
N GLN A 292 -10.19 -12.39 0.85
CA GLN A 292 -10.75 -13.44 1.66
C GLN A 292 -11.97 -14.04 0.94
N ALA A 293 -12.84 -13.19 0.39
CA ALA A 293 -14.05 -13.64 -0.32
C ALA A 293 -13.68 -14.53 -1.51
N ALA A 294 -12.64 -14.14 -2.26
CA ALA A 294 -12.17 -14.93 -3.38
C ALA A 294 -11.82 -16.32 -2.89
N TYR A 295 -11.04 -16.44 -1.81
CA TYR A 295 -10.66 -17.74 -1.28
C TYR A 295 -11.88 -18.55 -0.78
N GLU A 296 -12.83 -17.89 -0.13
CA GLU A 296 -13.96 -18.58 0.52
C GLU A 296 -15.02 -18.97 -0.52
N LYS A 297 -15.26 -18.10 -1.51
CA LYS A 297 -16.48 -18.27 -2.35
C LYS A 297 -16.18 -18.17 -3.86
N GLY A 298 -14.91 -18.11 -4.24
CA GLY A 298 -14.54 -17.67 -5.60
C GLY A 298 -14.36 -18.81 -6.60
N GLU A 299 -14.40 -20.06 -6.12
CA GLU A 299 -13.91 -21.19 -6.89
C GLU A 299 -14.80 -21.43 -8.13
N GLY A 300 -16.12 -21.28 -7.99
CA GLY A 300 -17.06 -21.50 -9.10
C GLY A 300 -16.84 -20.53 -10.26
N TRP A 301 -16.75 -19.23 -9.95
CA TRP A 301 -16.44 -18.20 -10.96
C TRP A 301 -15.09 -18.50 -11.59
N LEU A 302 -14.09 -18.84 -10.77
CA LEU A 302 -12.73 -19.05 -11.28
C LEU A 302 -12.69 -20.19 -12.30
N GLN A 303 -13.32 -21.33 -11.95
CA GLN A 303 -13.42 -22.47 -12.89
C GLN A 303 -14.07 -22.04 -14.22
N ALA A 304 -15.11 -21.22 -14.16
CA ALA A 304 -15.84 -20.77 -15.36
C ALA A 304 -14.95 -19.82 -16.19
N MET A 305 -14.22 -18.93 -15.52
CA MET A 305 -13.27 -18.01 -16.18
C MET A 305 -12.20 -18.83 -16.92
N ASN A 306 -11.61 -19.83 -16.24
CA ASN A 306 -10.59 -20.66 -16.82
C ASN A 306 -11.11 -21.43 -18.05
N HIS A 307 -12.36 -21.92 -18.01
CA HIS A 307 -12.93 -22.63 -19.16
C HIS A 307 -13.08 -21.67 -20.36
N TYR A 308 -13.49 -20.43 -20.10
CA TYR A 308 -13.68 -19.44 -21.17
C TYR A 308 -12.32 -19.05 -21.77
N LEU A 309 -11.33 -18.87 -20.89
CA LEU A 309 -9.93 -18.58 -21.28
CA LEU A 309 -9.98 -18.54 -21.34
C LEU A 309 -9.39 -19.68 -22.22
N ASP A 310 -9.65 -20.95 -21.86
CA ASP A 310 -9.17 -22.08 -22.61
C ASP A 310 -9.69 -21.98 -24.04
N ASP A 311 -10.97 -21.64 -24.17
CA ASP A 311 -11.59 -21.50 -25.48
C ASP A 311 -10.95 -20.33 -26.25
N ASN A 312 -10.62 -19.23 -25.57
CA ASN A 312 -9.85 -18.14 -26.23
C ASN A 312 -8.52 -18.68 -26.76
N PHE A 313 -7.82 -19.48 -25.96
CA PHE A 313 -6.54 -20.05 -26.41
C PHE A 313 -6.71 -20.99 -27.59
N ASN A 314 -7.75 -21.83 -27.59
CA ASN A 314 -8.00 -22.73 -28.70
C ASN A 314 -8.23 -21.94 -29.99
N TYR A 315 -8.99 -20.85 -29.91
CA TYR A 315 -9.20 -20.01 -31.08
C TYR A 315 -7.87 -19.40 -31.54
N LEU A 316 -7.06 -18.87 -30.61
CA LEU A 316 -5.81 -18.23 -30.94
C LEU A 316 -4.86 -19.22 -31.63
N ALA A 317 -4.76 -20.45 -31.10
CA ALA A 317 -3.86 -21.45 -31.66
C ALA A 317 -4.26 -21.75 -33.12
N ASP A 318 -5.56 -21.95 -33.36
CA ASP A 318 -6.06 -22.24 -34.73
C ASP A 318 -5.79 -21.03 -35.66
N PHE A 319 -6.03 -19.83 -35.14
CA PHE A 319 -5.85 -18.61 -35.91
C PHE A 319 -4.38 -18.45 -36.36
N LEU A 320 -3.41 -18.66 -35.45
CA LEU A 320 -2.03 -18.47 -35.80
C LEU A 320 -1.61 -19.54 -36.83
N GLU A 321 -2.02 -20.79 -36.59
CA GLU A 321 -1.69 -21.90 -37.50
C GLU A 321 -2.16 -21.57 -38.93
N LYS A 322 -3.37 -21.03 -39.09
CA LYS A 322 -3.99 -20.77 -40.42
C LYS A 322 -3.53 -19.43 -41.04
N GLU A 323 -3.40 -18.39 -40.23
CA GLU A 323 -3.29 -17.00 -40.74
C GLU A 323 -1.87 -16.43 -40.60
N LEU A 324 -1.08 -16.91 -39.63
CA LEU A 324 0.32 -16.50 -39.43
C LEU A 324 1.21 -17.73 -39.25
N PRO A 325 1.29 -18.61 -40.27
CA PRO A 325 2.01 -19.88 -40.17
C PRO A 325 3.50 -19.79 -39.77
N HIS A 326 4.17 -18.67 -40.09
CA HIS A 326 5.57 -18.52 -39.78
C HIS A 326 5.77 -18.06 -38.33
N ALA A 327 4.70 -17.71 -37.63
CA ALA A 327 4.75 -17.39 -36.21
C ALA A 327 4.95 -18.69 -35.41
N GLU A 328 5.72 -18.62 -34.32
CA GLU A 328 5.92 -19.76 -33.45
C GLU A 328 5.11 -19.50 -32.18
N PHE A 329 4.25 -20.44 -31.82
CA PHE A 329 3.40 -20.30 -30.65
C PHE A 329 3.08 -21.69 -30.11
N LYS A 330 3.04 -21.83 -28.80
CA LYS A 330 2.51 -23.00 -28.13
C LYS A 330 1.53 -22.49 -27.06
N ILE A 331 0.34 -23.07 -26.98
CA ILE A 331 -0.61 -22.73 -25.92
C ILE A 331 0.15 -22.79 -24.60
N PRO A 332 0.13 -21.72 -23.78
CA PRO A 332 0.83 -21.71 -22.50
C PRO A 332 0.05 -22.56 -21.50
N GLU A 333 0.78 -23.26 -20.63
CA GLU A 333 0.16 -24.14 -19.67
C GLU A 333 -0.63 -23.31 -18.64
N ALA A 334 -0.20 -22.07 -18.36
CA ALA A 334 -0.85 -21.20 -17.44
C ALA A 334 -0.83 -19.77 -17.95
N THR A 335 -1.47 -18.89 -17.19
CA THR A 335 -1.59 -17.44 -17.44
C THR A 335 -2.67 -17.22 -18.51
N TYR A 336 -3.05 -15.95 -18.69
CA TYR A 336 -3.94 -15.52 -19.78
C TYR A 336 -3.15 -14.74 -20.83
N LEU A 337 -1.85 -15.05 -20.95
CA LEU A 337 -0.92 -14.30 -21.78
C LEU A 337 -0.32 -15.22 -22.84
N ALA A 338 -0.39 -14.80 -24.12
CA ALA A 338 0.14 -15.55 -25.23
C ALA A 338 1.50 -14.97 -25.63
N TRP A 339 2.51 -15.83 -25.74
CA TRP A 339 3.87 -15.49 -26.11
C TRP A 339 4.09 -15.92 -27.56
N VAL A 340 4.25 -14.95 -28.46
CA VAL A 340 4.21 -15.25 -29.90
C VAL A 340 5.51 -14.77 -30.56
N ASP A 341 6.24 -15.69 -31.19
CA ASP A 341 7.46 -15.39 -31.92
C ASP A 341 7.10 -14.90 -33.34
N LEU A 342 7.36 -13.61 -33.60
CA LEU A 342 7.11 -13.00 -34.92
C LEU A 342 8.41 -12.70 -35.66
N SER A 343 9.51 -13.35 -35.27
CA SER A 343 10.85 -13.16 -35.84
C SER A 343 10.83 -13.20 -37.37
N TYR A 344 10.11 -14.15 -37.94
CA TYR A 344 10.04 -14.29 -39.38
C TYR A 344 9.59 -12.96 -40.01
N TYR A 345 8.48 -12.43 -39.51
CA TYR A 345 7.84 -11.26 -40.09
C TYR A 345 8.70 -10.01 -39.87
N ILE A 346 9.37 -9.94 -38.73
CA ILE A 346 10.18 -8.77 -38.44
C ILE A 346 11.37 -8.74 -39.41
N LYS A 347 11.96 -9.91 -39.64
CA LYS A 347 13.16 -10.05 -40.49
C LYS A 347 12.79 -9.82 -41.97
N GLU A 348 11.67 -10.38 -42.41
CA GLU A 348 11.23 -10.25 -43.80
C GLU A 348 10.88 -8.79 -44.11
N LYS A 349 10.40 -8.02 -43.11
CA LYS A 349 9.99 -6.62 -43.31
C LYS A 349 11.05 -5.65 -42.78
N ASP A 350 12.12 -6.15 -42.17
CA ASP A 350 13.18 -5.33 -41.55
C ASP A 350 12.53 -4.20 -40.72
N ILE A 351 11.61 -4.60 -39.82
CA ILE A 351 10.97 -3.66 -38.94
C ILE A 351 11.99 -3.20 -37.91
N ASP A 352 12.21 -1.89 -37.83
CA ASP A 352 13.29 -1.29 -37.06
C ASP A 352 12.75 -0.48 -35.87
N GLU A 353 11.44 -0.54 -35.61
CA GLU A 353 10.85 0.08 -34.43
C GLU A 353 10.37 -1.04 -33.50
N SER A 354 10.17 -0.68 -32.24
CA SER A 354 9.42 -1.49 -31.25
C SER A 354 8.16 -2.09 -31.90
N MET A 355 7.90 -3.37 -31.61
CA MET A 355 6.72 -4.02 -32.13
C MET A 355 5.46 -3.44 -31.47
N ALA A 356 5.58 -2.91 -30.25
CA ALA A 356 4.45 -2.22 -29.62
C ALA A 356 4.08 -0.96 -30.42
N LYS A 357 5.10 -0.19 -30.84
CA LYS A 357 4.85 1.01 -31.65
C LYS A 357 4.31 0.60 -33.02
N PHE A 358 4.86 -0.48 -33.58
CA PHE A 358 4.46 -0.94 -34.91
C PHE A 358 2.98 -1.26 -34.91
N PHE A 359 2.52 -2.04 -33.93
CA PHE A 359 1.14 -2.44 -33.90
C PHE A 359 0.22 -1.29 -33.52
N ILE A 360 0.68 -0.38 -32.67
CA ILE A 360 -0.15 0.79 -32.35
C ILE A 360 -0.37 1.56 -33.66
N LYS A 361 0.71 1.84 -34.41
CA LYS A 361 0.62 2.67 -35.63
C LYS A 361 -0.13 1.95 -36.77
N ASN A 362 0.13 0.64 -36.93
CA ASN A 362 -0.23 -0.03 -38.18
C ASN A 362 -1.44 -0.95 -37.99
N ALA A 363 -1.80 -1.30 -36.74
CA ALA A 363 -2.92 -2.20 -36.46
C ALA A 363 -3.98 -1.56 -35.54
N GLY A 364 -3.62 -0.51 -34.80
CA GLY A 364 -4.52 0.00 -33.76
C GLY A 364 -4.73 -0.99 -32.62
N VAL A 365 -3.68 -1.77 -32.30
CA VAL A 365 -3.74 -2.78 -31.22
C VAL A 365 -2.53 -2.54 -30.33
N ILE A 366 -2.76 -2.52 -29.00
CA ILE A 366 -1.70 -2.40 -28.03
C ILE A 366 -1.35 -3.79 -27.46
N ILE A 367 -0.07 -4.18 -27.65
CA ILE A 367 0.46 -5.42 -27.06
C ILE A 367 1.69 -5.05 -26.24
N GLU A 368 2.29 -6.04 -25.58
CA GLU A 368 3.57 -5.83 -24.90
C GLU A 368 4.68 -6.42 -25.80
N GLY A 369 5.67 -5.60 -26.13
CA GLY A 369 6.76 -6.05 -26.95
C GLY A 369 7.87 -6.66 -26.10
N ALA A 370 8.91 -7.13 -26.80
CA ALA A 370 10.03 -7.88 -26.21
C ALA A 370 10.75 -7.03 -25.16
N GLU A 371 10.68 -5.70 -25.33
CA GLU A 371 11.37 -4.75 -24.46
C GLU A 371 10.88 -4.86 -23.01
N GLN A 372 9.76 -5.52 -22.74
CA GLN A 372 9.27 -5.60 -21.38
C GLN A 372 9.81 -6.85 -20.63
N PHE A 373 10.56 -7.75 -21.29
CA PHE A 373 10.81 -9.08 -20.72
C PHE A 373 12.30 -9.36 -20.53
N VAL A 374 13.10 -8.31 -20.43
CA VAL A 374 14.45 -8.35 -19.89
C VAL A 374 15.48 -8.86 -20.88
N HIS A 375 15.35 -10.11 -21.36
CA HIS A 375 16.35 -10.82 -22.10
C HIS A 375 15.72 -12.05 -22.75
N ASN A 376 16.36 -12.55 -23.81
CA ASN A 376 15.91 -13.80 -24.48
C ASN A 376 14.48 -13.61 -24.97
N ALA A 377 14.15 -12.43 -25.50
CA ALA A 377 12.76 -12.14 -25.92
C ALA A 377 12.69 -11.57 -27.33
N GLU A 378 13.82 -11.34 -27.97
CA GLU A 378 13.84 -10.72 -29.32
C GLU A 378 12.85 -11.37 -30.29
N GLY A 379 12.04 -10.55 -30.94
CA GLY A 379 11.08 -11.00 -31.96
C GLY A 379 9.74 -11.46 -31.41
N HIS A 380 9.56 -11.41 -30.10
CA HIS A 380 8.29 -11.88 -29.47
C HIS A 380 7.40 -10.68 -29.12
N ILE A 381 6.09 -10.94 -29.07
CA ILE A 381 5.13 -10.09 -28.41
C ILE A 381 4.38 -10.94 -27.39
N ARG A 382 3.84 -10.26 -26.38
CA ARG A 382 2.92 -10.89 -25.45
C ARG A 382 1.54 -10.27 -25.61
N ILE A 383 0.56 -11.16 -25.82
CA ILE A 383 -0.83 -10.75 -26.05
C ILE A 383 -1.70 -11.20 -24.86
N ASN A 384 -2.39 -10.26 -24.24
CA ASN A 384 -3.31 -10.52 -23.16
C ASN A 384 -4.67 -10.91 -23.75
N ILE A 385 -5.10 -12.14 -23.49
CA ILE A 385 -6.36 -12.59 -24.08
C ILE A 385 -7.42 -12.82 -22.99
N ALA A 386 -7.22 -12.24 -21.80
CA ALA A 386 -8.30 -12.19 -20.81
C ALA A 386 -9.26 -11.06 -21.19
N VAL A 387 -9.91 -11.23 -22.33
CA VAL A 387 -10.82 -10.25 -22.88
C VAL A 387 -11.95 -11.02 -23.53
N PRO A 388 -13.13 -10.41 -23.78
CA PRO A 388 -14.19 -11.06 -24.52
C PRO A 388 -13.63 -11.62 -25.83
N ARG A 389 -14.07 -12.83 -26.16
CA ARG A 389 -13.57 -13.53 -27.32
C ARG A 389 -13.69 -12.66 -28.58
N GLU A 390 -14.80 -11.91 -28.71
CA GLU A 390 -15.01 -11.10 -29.92
C GLU A 390 -13.99 -9.97 -29.97
N VAL A 391 -13.55 -9.45 -28.81
CA VAL A 391 -12.47 -8.45 -28.75
C VAL A 391 -11.14 -9.09 -29.19
N MET A 392 -10.83 -10.27 -28.67
CA MET A 392 -9.62 -10.97 -29.05
C MET A 392 -9.56 -11.19 -30.56
N LYS A 393 -10.64 -11.70 -31.14
CA LYS A 393 -10.67 -11.97 -32.59
C LYS A 393 -10.42 -10.69 -33.38
N LYS A 394 -11.02 -9.59 -32.97
CA LYS A 394 -10.84 -8.32 -33.70
C LYS A 394 -9.36 -7.91 -33.64
N GLY A 395 -8.75 -8.01 -32.46
CA GLY A 395 -7.38 -7.69 -32.26
C GLY A 395 -6.42 -8.53 -33.09
N LEU A 396 -6.67 -9.84 -33.10
CA LEU A 396 -5.82 -10.77 -33.85
C LEU A 396 -5.91 -10.49 -35.35
N GLN A 397 -7.12 -10.20 -35.84
CA GLN A 397 -7.29 -9.85 -37.26
C GLN A 397 -6.46 -8.63 -37.63
N LYS A 398 -6.48 -7.60 -36.78
CA LYS A 398 -5.74 -6.40 -37.04
C LYS A 398 -4.22 -6.65 -36.99
N ILE A 399 -3.76 -7.47 -36.03
CA ILE A 399 -2.33 -7.82 -35.93
C ILE A 399 -1.88 -8.52 -37.23
N LYS A 400 -2.71 -9.46 -37.70
CA LYS A 400 -2.39 -10.27 -38.87
C LYS A 400 -2.29 -9.37 -40.10
N ALA A 401 -3.28 -8.50 -40.29
CA ALA A 401 -3.33 -7.61 -41.47
C ALA A 401 -2.09 -6.71 -41.51
N ALA A 402 -1.66 -6.20 -40.35
CA ALA A 402 -0.51 -5.32 -40.28
C ALA A 402 0.79 -6.09 -40.63
N LEU A 403 0.87 -7.36 -40.25
CA LEU A 403 2.09 -8.12 -40.50
C LEU A 403 2.18 -8.59 -41.94
N VAL A 404 1.06 -8.94 -42.57
CA VAL A 404 1.10 -9.59 -43.89
C VAL A 404 0.95 -8.56 -45.00
N GLU A 405 0.82 -7.28 -44.64
CA GLU A 405 0.78 -6.18 -45.59
C GLU A 405 2.07 -6.23 -46.42
N ASN A 406 1.92 -6.28 -47.76
CA ASN A 406 3.04 -6.30 -48.71
C ASN A 406 3.97 -7.52 -48.49
N LEU A 407 3.41 -8.62 -47.98
CA LEU A 407 4.10 -9.89 -47.93
C LEU A 407 3.29 -10.86 -48.80
N TYR A 408 3.96 -11.82 -49.42
CA TYR A 408 3.30 -12.75 -50.30
C TYR A 408 2.54 -13.80 -49.47
N GLY B 3 -22.44 21.14 -1.21
CA GLY B 3 -21.40 21.12 -0.12
C GLY B 3 -21.71 20.11 0.99
N GLY B 4 -22.98 19.71 1.16
CA GLY B 4 -23.39 18.75 2.22
C GLY B 4 -23.79 19.43 3.53
N PHE B 5 -24.12 20.73 3.45
CA PHE B 5 -24.51 21.53 4.64
C PHE B 5 -25.99 21.26 5.00
N ALA B 6 -26.80 20.92 4.02
CA ALA B 6 -28.25 20.73 4.23
C ALA B 6 -28.61 19.39 4.89
N VAL B 7 -27.70 18.43 4.93
CA VAL B 7 -28.03 17.10 5.51
C VAL B 7 -27.97 17.17 7.03
N ASN B 8 -28.80 16.38 7.71
CA ASN B 8 -28.75 16.24 9.17
C ASN B 8 -28.02 14.93 9.53
N TYR B 9 -26.85 15.05 10.16
CA TYR B 9 -25.96 13.91 10.48
C TYR B 9 -26.24 13.47 11.92
N ASN B 10 -25.98 12.20 12.25
CA ASN B 10 -26.17 11.72 13.58
C ASN B 10 -24.87 11.15 14.16
N PHE B 11 -24.06 12.02 14.75
CA PHE B 11 -22.78 11.56 15.38
C PHE B 11 -23.02 10.78 16.67
N ASP B 12 -24.27 10.75 17.17
CA ASP B 12 -24.62 9.93 18.36
C ASP B 12 -24.71 8.45 18.01
N GLU B 13 -24.73 8.14 16.71
CA GLU B 13 -24.94 6.77 16.28
C GLU B 13 -23.82 5.88 16.80
N ILE B 14 -24.22 4.78 17.44
CA ILE B 14 -23.33 3.72 17.88
C ILE B 14 -23.16 2.71 16.74
N ILE B 15 -21.92 2.56 16.25
CA ILE B 15 -21.59 1.70 15.08
C ILE B 15 -20.74 0.55 15.58
N ASP B 16 -21.16 -0.70 15.31
CA ASP B 16 -20.47 -1.90 15.80
C ASP B 16 -19.16 -2.06 15.03
N ARG B 17 -18.03 -2.28 15.73
CA ARG B 17 -16.72 -2.39 15.08
C ARG B 17 -16.15 -3.80 15.27
N ARG B 18 -16.91 -4.69 15.92
CA ARG B 18 -16.53 -6.09 16.04
C ARG B 18 -16.58 -6.74 14.65
N TYR B 19 -15.71 -7.71 14.43
CA TYR B 19 -15.68 -8.55 13.22
C TYR B 19 -15.35 -7.70 11.99
N THR B 20 -14.49 -6.68 12.17
CA THR B 20 -14.01 -5.85 11.03
C THR B 20 -12.48 -5.80 10.97
N ASN B 21 -11.79 -6.61 11.77
CA ASN B 21 -10.33 -6.63 11.76
C ASN B 21 -9.80 -5.25 12.13
N ALA B 22 -10.57 -4.50 12.93
CA ALA B 22 -10.20 -3.12 13.33
C ALA B 22 -9.08 -3.21 14.37
N MET B 23 -7.95 -2.56 14.08
N MET B 23 -7.95 -2.57 14.07
CA MET B 23 -6.86 -2.44 15.05
CA MET B 23 -6.86 -2.44 15.05
C MET B 23 -7.42 -1.92 16.39
C MET B 23 -7.43 -1.93 16.38
N ASN B 24 -8.32 -0.93 16.31
CA ASN B 24 -8.94 -0.28 17.50
C ASN B 24 -9.53 -1.34 18.46
N VAL B 25 -10.18 -2.37 17.90
CA VAL B 25 -10.92 -3.40 18.65
C VAL B 25 -10.00 -4.58 19.00
N GLU B 26 -9.13 -5.02 18.06
CA GLU B 26 -8.45 -6.34 18.18
C GLU B 26 -7.01 -6.21 18.70
N GLY B 27 -6.37 -5.05 18.52
CA GLY B 27 -4.91 -5.01 18.41
C GLY B 27 -4.19 -4.22 19.50
N TYR B 28 -4.87 -3.91 20.60
CA TYR B 28 -4.32 -2.99 21.64
C TYR B 28 -3.08 -3.60 22.32
N LYS B 29 -3.06 -4.94 22.46
CA LYS B 29 -1.96 -5.62 23.20
C LYS B 29 -0.63 -5.48 22.45
N GLY B 30 -0.62 -5.79 21.15
CA GLY B 30 0.58 -5.69 20.30
C GLY B 30 1.05 -4.25 20.13
N TYR B 31 0.11 -3.31 19.99
CA TYR B 31 0.42 -1.89 19.74
C TYR B 31 0.98 -1.23 21.00
N LEU B 32 0.31 -1.42 22.15
CA LEU B 32 0.64 -0.69 23.40
C LEU B 32 1.73 -1.38 24.22
N PHE B 33 1.97 -2.69 24.06
CA PHE B 33 2.78 -3.47 25.05
C PHE B 33 3.91 -4.28 24.40
N GLU B 46 -15.70 -5.55 25.67
CA GLU B 46 -16.46 -4.75 26.64
C GLU B 46 -15.65 -3.52 27.08
N LEU B 47 -14.32 -3.52 26.81
CA LEU B 47 -13.44 -2.34 27.06
C LEU B 47 -13.97 -1.13 26.28
N ILE B 48 -13.87 0.06 26.86
CA ILE B 48 -14.23 1.30 26.18
C ILE B 48 -12.96 1.85 25.52
N ARG B 49 -13.05 2.08 24.21
CA ARG B 49 -11.90 2.31 23.36
C ARG B 49 -11.74 3.82 23.11
N MET B 50 -10.64 4.39 23.63
CA MET B 50 -10.36 5.82 23.49
C MET B 50 -8.87 6.01 23.26
N TRP B 51 -8.29 5.18 22.36
CA TRP B 51 -6.82 5.06 22.26
C TRP B 51 -6.33 5.47 20.85
N VAL B 52 -6.29 4.53 19.90
CA VAL B 52 -5.66 4.77 18.58
C VAL B 52 -6.53 5.75 17.79
N ALA B 53 -5.87 6.59 16.98
CA ALA B 53 -6.52 7.71 16.32
C ALA B 53 -7.24 7.26 15.04
N ASP B 54 -8.33 6.52 15.19
CA ASP B 54 -9.39 6.56 14.18
C ASP B 54 -10.69 6.93 14.91
N MET B 55 -11.74 7.25 14.15
CA MET B 55 -13.01 7.73 14.74
C MET B 55 -13.99 6.57 14.95
N ASP B 56 -14.92 6.73 15.89
CA ASP B 56 -16.09 5.82 15.95
C ASP B 56 -17.26 6.39 15.15
N PHE B 57 -17.12 7.59 14.61
CA PHE B 57 -18.09 8.18 13.69
C PHE B 57 -18.00 7.45 12.35
N GLY B 58 -19.12 7.29 11.65
CA GLY B 58 -19.05 6.64 10.36
C GLY B 58 -18.28 7.50 9.37
N THR B 59 -17.54 6.85 8.47
CA THR B 59 -17.06 7.50 7.29
C THR B 59 -18.30 8.05 6.58
N PRO B 60 -18.32 9.31 6.11
CA PRO B 60 -19.54 9.88 5.56
C PRO B 60 -20.04 9.18 4.29
N GLU B 61 -21.37 9.15 4.16
CA GLU B 61 -22.01 8.47 3.04
C GLU B 61 -21.54 9.07 1.72
N VAL B 62 -21.20 10.38 1.62
CA VAL B 62 -20.75 10.91 0.33
C VAL B 62 -19.46 10.20 -0.12
N VAL B 63 -18.61 9.80 0.84
CA VAL B 63 -17.37 9.08 0.53
C VAL B 63 -17.71 7.61 0.25
N LEU B 64 -18.54 6.98 1.09
CA LEU B 64 -18.86 5.59 0.89
C LEU B 64 -19.57 5.38 -0.45
N ASN B 65 -20.43 6.33 -0.82
CA ASN B 65 -21.20 6.23 -2.08
C ASN B 65 -20.28 6.34 -3.30
N ALA B 66 -19.23 7.14 -3.18
CA ALA B 66 -18.24 7.23 -4.28
C ALA B 66 -17.57 5.87 -4.49
N ILE B 67 -17.28 5.16 -3.39
CA ILE B 67 -16.65 3.84 -3.48
C ILE B 67 -17.65 2.87 -4.15
N ARG B 68 -18.90 2.86 -3.67
CA ARG B 68 -19.99 2.01 -4.26
C ARG B 68 -20.11 2.24 -5.78
N GLU B 69 -20.05 3.50 -6.23
CA GLU B 69 -20.19 3.85 -7.64
C GLU B 69 -18.98 3.33 -8.43
N ARG B 70 -17.80 3.35 -7.81
CA ARG B 70 -16.61 2.75 -8.48
C ARG B 70 -16.75 1.23 -8.57
N LEU B 71 -17.33 0.59 -7.55
CA LEU B 71 -17.51 -0.85 -7.60
C LEU B 71 -18.44 -1.25 -8.75
N ASN B 72 -19.40 -0.38 -9.07
CA ASN B 72 -20.40 -0.64 -10.13
C ASN B 72 -19.75 -0.67 -11.52
N LYS B 73 -18.49 -0.23 -11.60
CA LYS B 73 -17.67 -0.24 -12.82
C LYS B 73 -16.99 -1.62 -13.02
N LYS B 74 -17.13 -2.51 -12.04
CA LYS B 74 -16.91 -3.98 -12.12
C LYS B 74 -15.43 -4.41 -12.11
N ILE B 75 -14.50 -3.56 -12.50
CA ILE B 75 -13.14 -4.01 -12.65
C ILE B 75 -12.26 -3.21 -11.68
N LEU B 76 -11.44 -3.93 -10.89
CA LEU B 76 -10.53 -3.29 -9.90
C LEU B 76 -9.06 -3.52 -10.26
N GLY B 77 -8.69 -3.11 -11.47
CA GLY B 77 -7.36 -3.37 -11.99
C GLY B 77 -6.36 -2.28 -11.64
N TYR B 78 -5.25 -2.30 -12.39
CA TYR B 78 -4.13 -1.42 -12.16
C TYR B 78 -4.58 0.02 -12.37
N THR B 79 -4.28 0.84 -11.38
CA THR B 79 -4.82 2.19 -11.29
C THR B 79 -3.68 3.17 -10.99
N ASN B 80 -3.77 4.36 -11.59
CA ASN B 80 -2.92 5.47 -11.18
C ASN B 80 -3.71 6.77 -11.31
N VAL B 81 -3.12 7.86 -10.83
CA VAL B 81 -3.83 9.12 -10.83
C VAL B 81 -3.50 9.80 -12.16
N PHE B 82 -4.42 9.69 -13.11
CA PHE B 82 -4.27 10.19 -14.45
C PHE B 82 -4.99 11.52 -14.60
N GLY B 83 -4.42 12.40 -15.42
CA GLY B 83 -5.02 13.71 -15.67
C GLY B 83 -4.90 14.62 -14.47
N SER B 84 -5.82 15.60 -14.40
CA SER B 84 -5.76 16.76 -13.53
C SER B 84 -6.86 16.77 -12.46
N GLU B 85 -7.88 15.91 -12.53
CA GLU B 85 -9.08 16.03 -11.69
C GLU B 85 -8.76 15.87 -10.19
N TYR B 86 -7.94 14.89 -9.84
CA TYR B 86 -7.55 14.72 -8.42
C TYR B 86 -6.79 15.97 -7.93
N TYR B 87 -5.73 16.37 -8.64
CA TYR B 87 -4.96 17.56 -8.31
C TYR B 87 -5.85 18.78 -8.11
N GLU B 88 -6.74 19.04 -9.07
CA GLU B 88 -7.66 20.18 -9.04
C GLU B 88 -8.51 20.15 -7.76
N ALA B 89 -8.98 18.97 -7.35
CA ALA B 89 -9.82 18.89 -6.18
C ALA B 89 -9.00 19.20 -4.92
N PHE B 90 -7.82 18.60 -4.81
CA PHE B 90 -6.93 18.79 -3.67
C PHE B 90 -6.47 20.25 -3.60
N VAL B 91 -5.88 20.77 -4.68
CA VAL B 91 -5.33 22.13 -4.62
C VAL B 91 -6.47 23.14 -4.44
N SER B 92 -7.67 22.82 -4.91
CA SER B 92 -8.83 23.73 -4.68
C SER B 92 -9.14 23.81 -3.17
N TRP B 93 -9.04 22.67 -2.47
CA TRP B 93 -9.21 22.58 -1.03
C TRP B 93 -8.15 23.43 -0.30
N THR B 94 -6.86 23.26 -0.64
CA THR B 94 -5.79 23.92 0.07
C THR B 94 -5.80 25.43 -0.20
N LYS B 95 -6.18 25.83 -1.42
CA LYS B 95 -6.28 27.24 -1.80
C LYS B 95 -7.42 27.92 -1.01
N LYS B 96 -8.61 27.32 -1.05
CA LYS B 96 -9.82 27.82 -0.38
C LYS B 96 -9.55 28.00 1.12
N ARG B 97 -9.04 26.93 1.72
CA ARG B 97 -8.96 26.83 3.16
C ARG B 97 -7.73 27.52 3.75
N TYR B 98 -6.55 27.48 3.09
CA TYR B 98 -5.33 28.00 3.70
C TYR B 98 -4.56 28.97 2.80
N GLY B 99 -5.09 29.26 1.61
CA GLY B 99 -4.43 30.12 0.65
C GLY B 99 -3.15 29.51 0.13
N PHE B 100 -3.10 28.16 0.12
CA PHE B 100 -1.90 27.38 -0.18
C PHE B 100 -2.07 26.71 -1.56
N THR B 101 -1.15 27.09 -2.46
CA THR B 101 -1.10 26.52 -3.80
CA THR B 101 -1.04 26.65 -3.85
C THR B 101 0.26 25.84 -4.02
N PHE B 102 0.24 24.83 -4.88
CA PHE B 102 1.45 24.10 -5.27
C PHE B 102 1.20 23.60 -6.69
N SER B 103 2.27 23.23 -7.40
CA SER B 103 2.19 22.77 -8.77
C SER B 103 1.88 21.27 -8.79
N GLN B 104 1.18 20.84 -9.83
CA GLN B 104 0.77 19.47 -9.95
C GLN B 104 2.00 18.55 -9.95
N GLU B 105 3.12 19.02 -10.52
CA GLU B 105 4.34 18.23 -10.65
C GLU B 105 4.95 17.95 -9.27
N HIS B 106 4.62 18.76 -8.26
CA HIS B 106 5.20 18.56 -6.93
C HIS B 106 4.39 17.56 -6.10
N LEU B 107 3.26 17.08 -6.64
CA LEU B 107 2.35 16.24 -5.86
C LEU B 107 2.64 14.77 -6.18
N VAL B 108 3.05 14.00 -5.17
CA VAL B 108 3.19 12.56 -5.26
C VAL B 108 2.39 11.89 -4.15
N PHE B 109 2.32 10.56 -4.22
CA PHE B 109 1.43 9.81 -3.35
C PHE B 109 2.17 8.69 -2.61
N SER B 110 1.70 8.45 -1.38
CA SER B 110 2.22 7.43 -0.51
CA SER B 110 2.22 7.38 -0.56
C SER B 110 1.05 6.59 0.01
N HIS B 111 1.35 5.39 0.48
CA HIS B 111 0.33 4.52 1.06
C HIS B 111 0.27 4.77 2.57
N GLY B 112 -0.22 5.96 2.93
CA GLY B 112 -0.23 6.43 4.30
C GLY B 112 0.98 7.33 4.57
N ILE B 113 0.83 8.24 5.53
CA ILE B 113 1.87 9.21 5.78
C ILE B 113 3.08 8.54 6.45
N VAL B 114 2.89 7.61 7.38
CA VAL B 114 4.06 7.03 8.07
C VAL B 114 4.92 6.24 7.04
N ALA B 115 4.26 5.52 6.13
CA ALA B 115 5.01 4.84 5.06
C ALA B 115 5.82 5.85 4.26
N GLY B 116 5.18 6.98 3.89
CA GLY B 116 5.87 8.07 3.23
C GLY B 116 7.05 8.59 4.01
N LEU B 117 6.85 8.83 5.31
CA LEU B 117 7.91 9.32 6.17
C LEU B 117 9.10 8.35 6.16
N ILE B 118 8.83 7.05 6.27
CA ILE B 118 9.93 6.05 6.27
C ILE B 118 10.80 6.21 5.01
N GLU B 119 10.19 6.41 3.85
CA GLU B 119 10.93 6.50 2.61
C GLU B 119 11.66 7.85 2.54
N LEU B 120 10.95 8.93 2.90
CA LEU B 120 11.56 10.24 2.87
C LEU B 120 12.81 10.29 3.75
N VAL B 121 12.75 9.73 4.97
CA VAL B 121 13.88 9.80 5.89
C VAL B 121 15.12 9.14 5.28
N GLY B 122 14.94 7.97 4.68
CA GLY B 122 16.02 7.26 4.00
C GLY B 122 16.62 8.05 2.84
N TYR B 123 15.78 8.72 2.04
CA TYR B 123 16.31 9.51 0.91
C TYR B 123 17.12 10.72 1.36
N ILE B 124 16.66 11.41 2.41
CA ILE B 124 17.22 12.69 2.83
C ILE B 124 18.47 12.48 3.69
N CYS B 125 18.46 11.46 4.56
CA CYS B 125 19.51 11.30 5.57
C CYS B 125 20.53 10.25 5.13
N ASP B 126 21.81 10.60 5.29
CA ASP B 126 22.91 9.63 5.23
C ASP B 126 23.10 9.04 6.63
N LYS B 127 23.84 7.94 6.71
CA LYS B 127 23.88 7.07 7.89
C LYS B 127 24.29 7.84 9.15
N ASP B 128 25.14 8.86 8.98
CA ASP B 128 25.74 9.67 10.04
C ASP B 128 24.86 10.86 10.44
N ASP B 129 23.82 11.17 9.65
CA ASP B 129 22.91 12.32 9.86
C ASP B 129 21.90 12.04 10.98
N LYS B 130 21.49 13.09 11.69
CA LYS B 130 20.52 13.01 12.76
C LYS B 130 19.22 13.74 12.37
N ALA B 131 18.10 13.28 12.96
CA ALA B 131 16.78 13.93 12.83
C ALA B 131 16.39 14.56 14.17
N LEU B 132 15.72 15.72 14.11
CA LEU B 132 15.24 16.43 15.29
C LEU B 132 13.72 16.26 15.35
N ILE B 133 13.20 15.97 16.54
CA ILE B 133 11.76 15.98 16.79
C ILE B 133 11.49 16.75 18.08
N VAL B 134 10.38 17.51 18.09
CA VAL B 134 9.94 18.18 19.31
C VAL B 134 9.09 17.15 20.07
N THR B 135 9.16 17.21 21.40
CA THR B 135 8.56 16.19 22.24
C THR B 135 7.66 16.87 23.28
N PRO B 136 6.59 16.19 23.70
CA PRO B 136 6.18 14.87 23.26
C PRO B 136 5.80 14.81 21.77
N SER B 137 5.80 13.60 21.23
CA SER B 137 5.68 13.40 19.81
C SER B 137 4.83 12.17 19.50
N TYR B 138 4.22 12.21 18.32
CA TYR B 138 3.68 11.04 17.68
C TYR B 138 4.82 10.01 17.54
N GLY B 139 4.55 8.79 18.00
CA GLY B 139 5.61 7.79 18.17
C GLY B 139 6.26 7.37 16.84
N PRO B 140 5.47 7.13 15.77
CA PRO B 140 6.04 6.81 14.47
C PRO B 140 7.02 7.81 13.82
N PHE B 141 7.09 9.07 14.27
CA PHE B 141 8.19 9.92 13.81
C PHE B 141 9.52 9.26 14.21
N LYS B 142 9.62 8.81 15.46
CA LYS B 142 10.86 8.17 15.94
C LYS B 142 11.08 6.82 15.24
N MET B 143 10.00 6.05 15.08
CA MET B 143 10.09 4.73 14.48
C MET B 143 10.67 4.84 13.07
N ALA B 144 10.26 5.89 12.35
CA ALA B 144 10.69 6.12 10.97
C ALA B 144 12.20 6.40 10.91
N CYS B 145 12.73 7.11 11.92
CA CYS B 145 14.18 7.28 12.02
C CYS B 145 14.89 5.96 12.41
N ASP B 146 14.36 5.23 13.41
CA ASP B 146 14.91 3.91 13.78
C ASP B 146 14.98 2.97 12.59
N LYS B 147 13.89 2.87 11.81
CA LYS B 147 13.85 1.95 10.67
C LYS B 147 14.95 2.29 9.64
N ASN B 148 15.52 3.50 9.69
CA ASN B 148 16.54 3.95 8.75
C ASN B 148 17.89 4.03 9.45
N HIS B 149 17.99 3.52 10.68
CA HIS B 149 19.18 3.63 11.52
C HIS B 149 19.63 5.10 11.62
N ILE B 150 18.66 6.02 11.70
CA ILE B 150 18.92 7.46 11.85
C ILE B 150 18.66 7.85 13.31
N SER B 151 19.69 8.44 13.93
CA SER B 151 19.68 8.87 15.32
C SER B 151 18.76 10.09 15.47
N THR B 152 17.97 10.13 16.56
CA THR B 152 17.03 11.23 16.82
C THR B 152 17.57 12.10 17.95
N VAL B 153 17.38 13.42 17.82
CA VAL B 153 17.62 14.39 18.88
C VAL B 153 16.24 14.92 19.28
N TYR B 154 15.96 14.97 20.58
CA TYR B 154 14.68 15.52 21.08
C TYR B 154 14.85 16.98 21.48
N SER B 155 13.86 17.80 21.10
CA SER B 155 13.73 19.12 21.68
C SER B 155 12.45 19.18 22.49
N PRO B 156 12.49 19.20 23.84
CA PRO B 156 11.27 19.27 24.64
C PRO B 156 10.51 20.58 24.45
N LEU B 157 9.22 20.48 24.09
CA LEU B 157 8.33 21.62 24.08
C LEU B 157 8.16 22.17 25.51
N ILE B 158 8.01 23.49 25.61
CA ILE B 158 7.69 24.18 26.88
C ILE B 158 6.18 24.03 27.14
N ASN B 159 5.82 23.68 28.36
CA ASN B 159 4.43 23.44 28.70
C ASN B 159 3.98 24.43 29.79
N HIS B 160 2.97 25.23 29.52
CA HIS B 160 2.26 25.95 30.62
C HIS B 160 0.82 25.43 30.72
N HIS B 161 0.59 24.46 31.60
CA HIS B 161 -0.76 23.93 31.91
C HIS B 161 -1.48 23.47 30.64
N GLY B 162 -0.76 22.81 29.73
CA GLY B 162 -1.40 22.22 28.58
C GLY B 162 -1.28 23.07 27.33
N TYR B 163 -0.77 24.29 27.48
CA TYR B 163 -0.39 25.15 26.34
C TYR B 163 1.11 25.00 26.06
N TYR B 164 1.42 24.29 24.96
CA TYR B 164 2.77 23.96 24.60
C TYR B 164 3.31 24.95 23.57
N GLU B 165 4.61 25.22 23.68
CA GLU B 165 5.32 26.10 22.78
C GLU B 165 6.70 25.49 22.46
N ILE B 166 7.24 25.88 21.31
CA ILE B 166 8.56 25.44 20.89
C ILE B 166 9.61 26.19 21.70
N ASP B 167 10.63 25.47 22.18
CA ASP B 167 11.75 26.11 22.82
C ASP B 167 12.75 26.44 21.72
N PHE B 168 12.63 27.64 21.12
CA PHE B 168 13.42 27.99 19.93
C PHE B 168 14.92 28.06 20.26
N ASP B 169 15.29 28.51 21.46
CA ASP B 169 16.72 28.52 21.84
C ASP B 169 17.27 27.10 21.88
N ASP B 170 16.48 26.14 22.41
CA ASP B 170 16.88 24.72 22.47
C ASP B 170 17.04 24.14 21.05
N VAL B 171 16.05 24.39 20.19
CA VAL B 171 16.07 23.93 18.80
C VAL B 171 17.31 24.51 18.09
N ARG B 172 17.52 25.82 18.24
CA ARG B 172 18.66 26.50 17.55
C ARG B 172 19.98 25.84 17.99
N LYS B 173 20.15 25.66 19.30
CA LYS B 173 21.35 25.12 19.89
C LYS B 173 21.59 23.70 19.36
N LYS B 174 20.53 22.89 19.26
CA LYS B 174 20.69 21.50 18.85
C LYS B 174 21.04 21.44 17.36
N VAL B 175 20.38 22.27 16.56
CA VAL B 175 20.58 22.26 15.13
C VAL B 175 22.02 22.73 14.81
N GLU B 176 22.53 23.66 15.61
CA GLU B 176 23.88 24.24 15.41
C GLU B 176 24.97 23.22 15.79
N THR B 177 24.80 22.51 16.91
CA THR B 177 25.90 21.74 17.51
C THR B 177 25.73 20.23 17.31
N GLU B 178 24.64 19.80 16.67
CA GLU B 178 24.44 18.40 16.31
C GLU B 178 24.35 18.32 14.79
N ASN B 179 24.50 17.11 14.27
CA ASN B 179 24.59 16.89 12.84
C ASN B 179 23.18 16.73 12.28
N ILE B 180 22.30 17.72 12.55
CA ILE B 180 20.87 17.56 12.24
C ILE B 180 20.63 17.90 10.77
N LYS B 181 20.14 16.90 10.03
CA LYS B 181 19.86 17.01 8.63
C LYS B 181 18.37 17.25 8.40
N LEU B 182 17.54 16.80 9.35
CA LEU B 182 16.08 16.69 9.09
C LEU B 182 15.34 16.95 10.41
N CYS B 183 14.21 17.66 10.29
CA CYS B 183 13.25 17.83 11.35
C CYS B 183 11.92 17.29 10.85
N ILE B 184 11.31 16.38 11.64
CA ILE B 184 9.98 15.86 11.37
C ILE B 184 9.04 16.53 12.37
N PHE B 185 7.98 17.16 11.85
CA PHE B 185 7.20 18.15 12.59
C PHE B 185 5.71 17.91 12.32
N ALA B 186 4.90 17.92 13.39
CA ALA B 186 3.44 17.80 13.24
C ALA B 186 2.80 19.18 13.36
N ASN B 187 2.05 19.54 12.31
CA ASN B 187 1.40 20.85 12.21
C ASN B 187 -0.02 20.64 11.68
N PRO B 188 -1.05 20.62 12.53
CA PRO B 188 -1.04 20.80 13.97
C PRO B 188 -0.42 19.61 14.71
N HIS B 189 -0.12 19.83 15.99
CA HIS B 189 0.70 18.90 16.75
C HIS B 189 -0.14 17.81 17.41
N ASN B 190 0.38 16.58 17.36
CA ASN B 190 -0.07 15.42 18.13
C ASN B 190 1.04 15.02 19.09
N PRO B 191 0.77 14.98 20.42
CA PRO B 191 -0.52 14.97 21.09
C PRO B 191 -1.03 16.27 21.73
N THR B 192 -0.29 17.39 21.58
CA THR B 192 -0.65 18.59 22.35
C THR B 192 -1.77 19.41 21.71
N GLY B 193 -2.01 19.21 20.42
CA GLY B 193 -3.11 19.83 19.70
C GLY B 193 -2.82 21.25 19.21
N ARG B 194 -1.58 21.73 19.37
CA ARG B 194 -1.25 23.12 18.96
C ARG B 194 -1.46 23.36 17.46
N VAL B 195 -2.15 24.46 17.17
CA VAL B 195 -2.22 25.04 15.87
C VAL B 195 -1.20 26.17 15.84
N TRP B 196 -0.09 25.91 15.16
CA TRP B 196 1.06 26.80 15.18
C TRP B 196 0.70 28.06 14.41
N SER B 197 1.16 29.20 14.92
CA SER B 197 0.92 30.48 14.26
C SER B 197 1.93 30.63 13.12
N GLU B 198 1.65 31.57 12.21
CA GLU B 198 2.58 31.89 11.15
C GLU B 198 3.94 32.25 11.74
N GLU B 199 3.93 33.09 12.79
CA GLU B 199 5.12 33.57 13.46
C GLU B 199 5.95 32.40 14.01
N GLU B 200 5.27 31.42 14.63
CA GLU B 200 5.98 30.27 15.20
C GLU B 200 6.64 29.46 14.07
N LEU B 201 5.89 29.22 13.00
CA LEU B 201 6.41 28.42 11.89
C LEU B 201 7.58 29.17 11.22
N ALA B 202 7.45 30.50 11.07
CA ALA B 202 8.49 31.32 10.40
C ALA B 202 9.78 31.31 11.23
N THR B 203 9.64 31.35 12.55
CA THR B 203 10.78 31.30 13.44
C THR B 203 11.52 29.97 13.26
N LEU B 204 10.77 28.86 13.28
CA LEU B 204 11.39 27.55 13.13
C LEU B 204 12.01 27.43 11.73
N GLY B 205 11.34 27.96 10.70
CA GLY B 205 11.81 27.93 9.32
C GLY B 205 13.16 28.63 9.15
N GLN B 206 13.33 29.79 9.78
CA GLN B 206 14.57 30.54 9.73
C GLN B 206 15.71 29.70 10.29
N ILE B 207 15.48 29.00 11.41
CA ILE B 207 16.53 28.14 11.98
C ILE B 207 16.90 27.06 10.96
N MET B 208 15.89 26.45 10.34
CA MET B 208 16.14 25.32 9.42
C MET B 208 16.89 25.80 8.17
N LYS B 209 16.45 26.92 7.57
CA LYS B 209 17.11 27.51 6.38
C LYS B 209 18.57 27.85 6.70
N GLU B 210 18.83 28.49 7.85
CA GLU B 210 20.16 28.96 8.19
C GLU B 210 21.12 27.78 8.36
N ASN B 211 20.60 26.58 8.66
CA ASN B 211 21.43 25.42 8.92
C ASN B 211 21.24 24.30 7.90
N ASP B 212 20.58 24.60 6.77
CA ASP B 212 20.36 23.65 5.64
C ASP B 212 19.72 22.36 6.14
N VAL B 213 18.69 22.51 6.96
CA VAL B 213 17.96 21.40 7.52
C VAL B 213 16.65 21.25 6.74
N TRP B 214 16.33 20.02 6.39
CA TRP B 214 15.10 19.71 5.73
C TRP B 214 13.99 19.66 6.78
N LEU B 215 12.76 19.98 6.38
CA LEU B 215 11.65 19.84 7.31
C LEU B 215 10.50 19.08 6.63
N ILE B 216 10.04 18.00 7.29
CA ILE B 216 8.82 17.37 6.86
C ILE B 216 7.69 17.84 7.79
N SER B 217 6.66 18.43 7.19
CA SER B 217 5.52 18.96 7.91
C SER B 217 4.36 18.00 7.67
N ASP B 218 4.05 17.24 8.71
CA ASP B 218 2.95 16.30 8.74
C ASP B 218 1.67 17.06 9.15
N GLU B 219 0.76 17.26 8.22
CA GLU B 219 -0.40 18.12 8.42
C GLU B 219 -1.70 17.32 8.35
N ILE B 220 -1.64 16.04 8.77
CA ILE B 220 -2.79 15.14 8.67
C ILE B 220 -3.98 15.56 9.56
N HIS B 221 -3.74 16.32 10.65
CA HIS B 221 -4.80 16.83 11.52
C HIS B 221 -5.32 18.22 11.09
N CYS B 222 -4.91 18.74 9.94
CA CYS B 222 -5.05 20.18 9.71
C CYS B 222 -6.51 20.63 9.55
N ASP B 223 -7.44 19.70 9.25
CA ASP B 223 -8.85 20.02 9.06
C ASP B 223 -9.72 19.55 10.23
N ILE B 224 -9.09 19.14 11.33
CA ILE B 224 -9.80 18.79 12.57
C ILE B 224 -9.42 19.82 13.61
N LYS B 225 -10.24 20.85 13.78
CA LYS B 225 -9.89 21.88 14.72
C LYS B 225 -11.10 22.68 15.19
N ARG B 226 -10.89 23.37 16.31
CA ARG B 226 -11.99 24.07 16.97
C ARG B 226 -12.46 25.20 16.05
N SER B 227 -13.73 25.55 16.20
CA SER B 227 -14.32 26.63 15.41
C SER B 227 -13.52 27.91 15.63
N GLY B 228 -13.26 28.63 14.53
CA GLY B 228 -12.46 29.85 14.59
C GLY B 228 -10.97 29.65 14.36
N GLN B 229 -10.47 28.41 14.44
CA GLN B 229 -9.03 28.14 14.20
C GLN B 229 -8.75 28.11 12.69
N SER B 230 -7.59 28.65 12.31
CA SER B 230 -7.10 28.64 10.93
C SER B 230 -5.77 27.88 10.89
N HIS B 231 -5.67 26.99 9.91
CA HIS B 231 -4.47 26.22 9.67
C HIS B 231 -3.53 26.96 8.71
N ILE B 232 -2.25 27.04 9.04
CA ILE B 232 -1.24 27.58 8.11
C ILE B 232 -0.24 26.48 7.77
N PRO B 233 -0.21 26.00 6.50
CA PRO B 233 0.80 25.03 6.10
C PRO B 233 2.19 25.60 6.31
N PHE B 234 3.11 24.73 6.73
CA PHE B 234 4.47 25.12 6.93
C PHE B 234 5.00 25.78 5.64
N ALA B 235 4.66 25.19 4.48
CA ALA B 235 5.22 25.67 3.20
C ALA B 235 4.53 26.97 2.76
N LYS B 236 3.38 27.33 3.37
CA LYS B 236 2.74 28.65 3.21
C LYS B 236 3.45 29.71 4.08
N ALA B 237 3.75 29.36 5.33
CA ALA B 237 4.47 30.23 6.29
C ALA B 237 5.89 30.53 5.81
N VAL B 238 6.51 29.52 5.18
CA VAL B 238 7.88 29.59 4.72
C VAL B 238 7.90 29.22 3.24
N PRO B 239 7.41 30.10 2.35
CA PRO B 239 7.18 29.71 0.94
C PRO B 239 8.45 29.72 0.08
N ASP B 240 9.55 30.26 0.62
CA ASP B 240 10.76 30.52 -0.11
C ASP B 240 11.69 29.30 -0.15
N TYR B 241 11.40 28.25 0.64
CA TYR B 241 12.38 27.19 0.92
C TYR B 241 11.88 25.87 0.35
N ASP B 242 12.67 25.26 -0.55
CA ASP B 242 12.19 24.06 -1.22
C ASP B 242 12.45 22.81 -0.37
N LYS B 243 13.07 22.94 0.79
CA LYS B 243 13.29 21.73 1.64
C LYS B 243 12.18 21.56 2.69
N ILE B 244 11.05 22.23 2.48
CA ILE B 244 9.84 21.93 3.25
C ILE B 244 8.96 20.98 2.45
N ILE B 245 8.78 19.78 3.01
CA ILE B 245 7.91 18.77 2.44
C ILE B 245 6.60 18.76 3.25
N THR B 246 5.48 18.71 2.54
CA THR B 246 4.16 18.72 3.19
C THR B 246 3.49 17.36 2.94
N THR B 247 2.93 16.80 4.02
CA THR B 247 2.14 15.58 3.96
C THR B 247 0.72 15.91 4.45
N MET B 248 -0.28 15.54 3.64
CA MET B 248 -1.68 15.76 3.94
C MET B 248 -2.47 14.54 3.45
N SER B 249 -3.61 14.29 4.11
N SER B 249 -3.61 14.25 4.09
CA SER B 249 -4.45 13.15 3.81
CA SER B 249 -4.49 13.24 3.58
C SER B 249 -5.89 13.48 4.18
C SER B 249 -5.85 13.38 4.27
N GLN B 250 -6.83 12.62 3.76
CA GLN B 250 -8.15 12.66 4.34
C GLN B 250 -8.35 11.50 5.36
N SER B 251 -7.27 10.74 5.55
CA SER B 251 -7.34 9.56 6.52
CA SER B 251 -7.28 9.58 6.56
C SER B 251 -7.88 9.81 8.01
N LYS B 252 -7.49 10.93 8.60
CA LYS B 252 -7.96 11.31 9.94
C LYS B 252 -9.33 12.00 9.86
N ALA B 253 -9.35 13.00 8.96
CA ALA B 253 -10.54 13.85 8.84
C ALA B 253 -11.79 13.07 8.40
N PHE B 254 -11.63 12.05 7.57
CA PHE B 254 -12.79 11.36 7.01
C PHE B 254 -12.86 9.89 7.45
N ASN B 255 -12.00 9.50 8.40
CA ASN B 255 -12.01 8.15 8.97
C ASN B 255 -11.83 7.08 7.87
N ILE B 256 -10.80 7.27 7.05
CA ILE B 256 -10.42 6.35 5.96
C ILE B 256 -8.93 6.01 6.04
N ALA B 257 -8.40 5.82 7.25
CA ALA B 257 -6.99 5.43 7.43
C ALA B 257 -6.70 4.07 6.78
N GLY B 258 -7.69 3.17 6.80
CA GLY B 258 -7.54 1.84 6.20
C GLY B 258 -7.34 1.91 4.68
N LEU B 259 -7.71 3.02 4.05
CA LEU B 259 -7.57 3.15 2.57
C LEU B 259 -6.13 3.54 2.16
N MET B 260 -5.31 3.99 3.12
CA MET B 260 -3.87 4.16 2.95
C MET B 260 -3.54 4.90 1.67
N PHE B 261 -3.99 6.15 1.58
CA PHE B 261 -3.68 6.98 0.46
C PHE B 261 -3.42 8.40 0.95
N SER B 262 -2.24 8.94 0.65
CA SER B 262 -1.76 10.22 1.22
C SER B 262 -1.11 11.05 0.13
N ASN B 263 -1.12 12.36 0.32
CA ASN B 263 -0.52 13.34 -0.51
C ASN B 263 0.83 13.78 0.08
N ILE B 264 1.83 13.86 -0.80
CA ILE B 264 3.17 14.36 -0.42
C ILE B 264 3.56 15.43 -1.43
N ILE B 265 3.86 16.63 -0.94
CA ILE B 265 4.18 17.76 -1.80
C ILE B 265 5.66 18.03 -1.61
N ILE B 266 6.43 17.70 -2.65
CA ILE B 266 7.88 17.80 -2.67
C ILE B 266 8.25 18.88 -3.69
N GLN B 267 8.86 19.96 -3.21
CA GLN B 267 9.15 21.10 -4.08
C GLN B 267 10.62 21.11 -4.54
N ASN B 268 11.43 20.20 -3.99
CA ASN B 268 12.81 20.10 -4.29
C ASN B 268 12.98 19.08 -5.42
N GLU B 269 13.55 19.54 -6.54
CA GLU B 269 13.67 18.74 -7.79
C GLU B 269 14.44 17.43 -7.55
N SER B 270 15.57 17.51 -6.86
CA SER B 270 16.40 16.35 -6.64
C SER B 270 15.61 15.27 -5.85
N LEU B 271 14.91 15.67 -4.81
CA LEU B 271 14.22 14.71 -3.96
C LEU B 271 13.01 14.16 -4.73
N LEU B 272 12.34 15.01 -5.50
CA LEU B 272 11.19 14.59 -6.29
C LEU B 272 11.62 13.47 -7.27
N LYS B 273 12.71 13.73 -7.98
CA LYS B 273 13.24 12.76 -8.95
C LYS B 273 13.57 11.46 -8.26
N THR B 274 14.14 11.49 -7.04
CA THR B 274 14.48 10.31 -6.25
C THR B 274 13.19 9.53 -5.91
N TRP B 275 12.21 10.25 -5.34
CA TRP B 275 10.90 9.67 -5.01
C TRP B 275 10.34 8.91 -6.22
N ASN B 276 10.37 9.56 -7.38
CA ASN B 276 9.77 9.08 -8.58
C ASN B 276 10.53 7.88 -9.16
N THR B 277 11.71 7.54 -8.62
CA THR B 277 12.42 6.33 -9.05
C THR B 277 12.02 5.13 -8.19
N HIS B 278 11.45 5.35 -7.00
CA HIS B 278 11.02 4.23 -6.12
C HIS B 278 9.50 4.16 -5.98
N HIS B 279 8.77 5.19 -6.34
CA HIS B 279 7.29 5.07 -6.22
C HIS B 279 6.77 4.97 -7.64
N PHE B 280 6.79 3.72 -8.08
CA PHE B 280 6.48 3.35 -9.48
C PHE B 280 4.97 3.16 -9.64
N GLY B 281 4.24 4.14 -9.12
CA GLY B 281 2.78 4.23 -9.20
C GLY B 281 2.06 3.12 -8.49
N THR B 282 0.98 2.67 -9.11
CA THR B 282 0.17 1.56 -8.56
C THR B 282 -0.64 2.12 -7.40
N GLU B 283 -1.87 2.61 -7.70
CA GLU B 283 -2.72 3.16 -6.63
C GLU B 283 -3.97 2.28 -6.49
N ASN B 284 -4.66 2.41 -5.37
CA ASN B 284 -5.89 1.63 -5.12
C ASN B 284 -7.06 2.47 -5.64
N PRO B 285 -7.80 2.01 -6.66
CA PRO B 285 -8.92 2.78 -7.22
C PRO B 285 -9.95 3.20 -6.16
N LEU B 286 -10.20 2.33 -5.18
CA LEU B 286 -11.18 2.62 -4.14
C LEU B 286 -10.66 3.71 -3.21
N SER B 287 -9.35 3.71 -2.93
CA SER B 287 -8.73 4.70 -2.06
C SER B 287 -8.71 6.08 -2.72
N VAL B 288 -8.43 6.11 -4.02
CA VAL B 288 -8.36 7.33 -4.73
C VAL B 288 -9.75 7.95 -4.84
N VAL B 289 -10.77 7.18 -5.24
CA VAL B 289 -12.12 7.79 -5.42
C VAL B 289 -12.65 8.27 -4.06
N ALA B 290 -12.35 7.54 -2.98
CA ALA B 290 -12.83 7.92 -1.62
C ALA B 290 -12.21 9.27 -1.21
N THR B 291 -10.92 9.42 -1.44
CA THR B 291 -10.20 10.63 -1.04
C THR B 291 -10.66 11.82 -1.88
N GLN B 292 -10.76 11.59 -3.20
CA GLN B 292 -11.23 12.62 -4.11
C GLN B 292 -12.65 13.06 -3.72
N ALA B 293 -13.51 12.11 -3.30
CA ALA B 293 -14.88 12.42 -2.91
C ALA B 293 -14.88 13.33 -1.66
N ALA B 294 -13.98 13.08 -0.71
CA ALA B 294 -13.85 13.94 0.46
C ALA B 294 -13.53 15.37 0.05
N TYR B 295 -12.52 15.55 -0.81
CA TYR B 295 -12.11 16.89 -1.23
C TYR B 295 -13.23 17.60 -2.01
N GLU B 296 -13.95 16.85 -2.84
CA GLU B 296 -14.95 17.44 -3.74
C GLU B 296 -16.28 17.72 -3.02
N LYS B 297 -16.69 16.85 -2.08
CA LYS B 297 -18.08 16.82 -1.56
C LYS B 297 -18.19 16.76 -0.02
N GLY B 298 -17.07 16.74 0.72
CA GLY B 298 -17.10 16.35 2.12
C GLY B 298 -17.11 17.52 3.10
N GLU B 299 -17.14 18.76 2.61
CA GLU B 299 -16.99 19.98 3.45
C GLU B 299 -18.13 20.12 4.48
N GLY B 300 -19.38 19.92 4.06
CA GLY B 300 -20.52 20.04 4.95
C GLY B 300 -20.48 19.04 6.10
N TRP B 301 -20.22 17.76 5.79
CA TRP B 301 -20.15 16.71 6.81
C TRP B 301 -19.00 17.03 7.77
N LEU B 302 -17.88 17.49 7.20
CA LEU B 302 -16.68 17.75 8.01
C LEU B 302 -16.96 18.88 9.01
N GLN B 303 -17.66 19.93 8.58
CA GLN B 303 -18.01 21.01 9.48
C GLN B 303 -18.94 20.52 10.61
N ALA B 304 -19.97 19.74 10.27
CA ALA B 304 -20.86 19.10 11.24
C ALA B 304 -20.07 18.24 12.25
N MET B 305 -19.09 17.49 11.76
CA MET B 305 -18.25 16.65 12.59
C MET B 305 -17.47 17.52 13.60
N ASN B 306 -16.81 18.56 13.09
CA ASN B 306 -16.01 19.44 13.93
C ASN B 306 -16.87 20.12 15.02
N HIS B 307 -18.11 20.53 14.67
CA HIS B 307 -19.05 21.14 15.64
C HIS B 307 -19.35 20.15 16.76
N TYR B 308 -19.60 18.88 16.43
CA TYR B 308 -19.96 17.87 17.40
C TYR B 308 -18.77 17.60 18.32
N LEU B 309 -17.59 17.49 17.70
CA LEU B 309 -16.33 17.36 18.42
C LEU B 309 -16.13 18.51 19.40
N ASP B 310 -16.39 19.74 18.98
CA ASP B 310 -16.16 20.91 19.84
C ASP B 310 -17.01 20.74 21.11
N ASP B 311 -18.24 20.24 20.95
CA ASP B 311 -19.18 19.98 22.06
C ASP B 311 -18.67 18.84 22.94
N ASN B 312 -18.04 17.81 22.35
CA ASN B 312 -17.40 16.76 23.15
C ASN B 312 -16.28 17.36 24.01
N PHE B 313 -15.48 18.26 23.43
CA PHE B 313 -14.40 18.87 24.16
C PHE B 313 -14.92 19.75 25.30
N ASN B 314 -15.99 20.52 25.04
CA ASN B 314 -16.64 21.41 26.06
C ASN B 314 -17.12 20.56 27.24
N TYR B 315 -17.69 19.40 26.95
CA TYR B 315 -18.15 18.50 28.00
C TYR B 315 -16.98 17.90 28.80
N LEU B 316 -15.92 17.48 28.11
CA LEU B 316 -14.75 16.91 28.74
C LEU B 316 -14.11 17.95 29.67
N ALA B 317 -14.01 19.20 29.23
CA ALA B 317 -13.39 20.29 29.99
C ALA B 317 -14.15 20.50 31.31
N ASP B 318 -15.47 20.57 31.20
CA ASP B 318 -16.39 20.68 32.38
C ASP B 318 -16.22 19.49 33.32
N PHE B 319 -16.19 18.28 32.77
CA PHE B 319 -16.06 17.08 33.55
C PHE B 319 -14.73 17.03 34.32
N LEU B 320 -13.61 17.41 33.66
CA LEU B 320 -12.33 17.34 34.37
C LEU B 320 -12.26 18.38 35.50
N GLU B 321 -12.77 19.58 35.25
CA GLU B 321 -12.76 20.70 36.20
C GLU B 321 -13.52 20.28 37.47
N LYS B 322 -14.66 19.60 37.28
CA LYS B 322 -15.57 19.19 38.38
C LYS B 322 -15.06 17.93 39.09
N GLU B 323 -14.65 16.90 38.32
CA GLU B 323 -14.50 15.53 38.84
C GLU B 323 -13.04 15.15 39.10
N LEU B 324 -12.12 15.79 38.38
CA LEU B 324 -10.69 15.51 38.49
C LEU B 324 -9.96 16.85 38.54
N PRO B 325 -10.29 17.71 39.52
CA PRO B 325 -9.78 19.08 39.52
C PRO B 325 -8.25 19.21 39.62
N HIS B 326 -7.55 18.15 40.05
CA HIS B 326 -6.09 18.21 40.10
C HIS B 326 -5.46 17.82 38.75
N ALA B 327 -6.28 17.49 37.74
CA ALA B 327 -5.73 17.17 36.42
C ALA B 327 -5.53 18.51 35.70
N GLU B 328 -4.53 18.57 34.80
CA GLU B 328 -4.25 19.72 33.96
C GLU B 328 -4.68 19.36 32.51
N PHE B 329 -5.51 20.21 31.94
CA PHE B 329 -6.05 19.98 30.61
C PHE B 329 -6.45 21.32 30.02
N LYS B 330 -6.01 21.59 28.79
CA LYS B 330 -6.51 22.68 28.01
C LYS B 330 -7.20 22.11 26.77
N ILE B 331 -8.36 22.65 26.40
CA ILE B 331 -8.97 22.23 25.16
C ILE B 331 -7.97 22.51 24.03
N PRO B 332 -7.56 21.49 23.27
CA PRO B 332 -6.61 21.71 22.16
C PRO B 332 -7.23 22.51 21.00
N GLU B 333 -6.35 23.20 20.28
CA GLU B 333 -6.74 23.99 19.13
C GLU B 333 -7.12 23.04 17.98
N ALA B 334 -6.45 21.88 17.89
CA ALA B 334 -6.68 20.88 16.85
C ALA B 334 -6.70 19.46 17.42
N THR B 335 -7.11 18.55 16.54
CA THR B 335 -7.18 17.11 16.73
C THR B 335 -8.43 16.77 17.52
N TYR B 336 -8.73 15.47 17.54
CA TYR B 336 -9.81 14.94 18.35
C TYR B 336 -9.26 14.20 19.58
N LEU B 337 -8.05 14.59 20.00
CA LEU B 337 -7.27 13.93 21.01
C LEU B 337 -7.13 14.86 22.22
N ALA B 338 -7.47 14.38 23.41
CA ALA B 338 -7.31 15.15 24.63
C ALA B 338 -6.05 14.71 25.34
N TRP B 339 -5.20 15.69 25.69
CA TRP B 339 -3.96 15.44 26.35
C TRP B 339 -4.12 15.86 27.82
N VAL B 340 -4.14 14.88 28.73
CA VAL B 340 -4.50 15.15 30.13
C VAL B 340 -3.37 14.77 31.07
N ASP B 341 -2.98 15.72 31.93
CA ASP B 341 -1.93 15.51 32.94
C ASP B 341 -2.56 15.03 34.25
N LEU B 342 -2.23 13.78 34.60
CA LEU B 342 -2.80 13.06 35.73
C LEU B 342 -1.72 12.84 36.80
N SER B 343 -0.65 13.66 36.77
CA SER B 343 0.49 13.63 37.72
C SER B 343 0.04 13.46 39.17
N TYR B 344 -0.86 14.33 39.63
CA TYR B 344 -1.35 14.31 41.01
C TYR B 344 -1.87 12.91 41.38
N TYR B 345 -2.77 12.37 40.55
CA TYR B 345 -3.46 11.11 40.87
C TYR B 345 -2.48 9.93 40.82
N ILE B 346 -1.54 9.96 39.88
CA ILE B 346 -0.54 8.89 39.70
C ILE B 346 0.36 8.82 40.93
N LYS B 347 0.76 10.00 41.44
CA LYS B 347 1.58 10.09 42.62
C LYS B 347 0.79 9.54 43.82
N GLU B 348 -0.42 10.09 44.06
CA GLU B 348 -1.26 9.73 45.21
C GLU B 348 -1.46 8.21 45.29
N LYS B 349 -2.00 7.62 44.20
CA LYS B 349 -2.31 6.19 44.15
CA LYS B 349 -2.32 6.19 44.13
C LYS B 349 -1.03 5.37 44.01
N ASP B 350 0.12 6.03 43.82
CA ASP B 350 1.43 5.38 43.71
C ASP B 350 1.37 4.27 42.65
N ILE B 351 0.98 4.63 41.42
CA ILE B 351 0.96 3.71 40.27
C ILE B 351 2.38 3.66 39.66
N ASP B 352 2.97 2.47 39.58
CA ASP B 352 4.22 2.29 38.83
C ASP B 352 4.08 1.08 37.90
N GLU B 353 3.02 1.12 37.10
CA GLU B 353 2.90 0.43 35.81
C GLU B 353 2.41 1.46 34.78
N SER B 354 2.61 1.17 33.50
CA SER B 354 2.16 2.07 32.43
C SER B 354 0.68 2.42 32.65
N MET B 355 0.31 3.68 32.42
CA MET B 355 -1.05 4.14 32.67
C MET B 355 -2.04 3.39 31.76
N ALA B 356 -1.61 2.95 30.57
CA ALA B 356 -2.50 2.22 29.65
C ALA B 356 -2.86 0.86 30.28
N LYS B 357 -1.89 0.21 30.93
CA LYS B 357 -2.12 -1.05 31.63
C LYS B 357 -3.11 -0.81 32.77
N PHE B 358 -2.82 0.25 33.53
CA PHE B 358 -3.57 0.61 34.70
C PHE B 358 -5.05 0.85 34.37
N PHE B 359 -5.33 1.48 33.22
CA PHE B 359 -6.69 1.85 32.92
C PHE B 359 -7.44 0.68 32.28
N ILE B 360 -6.73 -0.26 31.64
CA ILE B 360 -7.35 -1.46 31.11
C ILE B 360 -7.76 -2.34 32.30
N LYS B 361 -6.81 -2.55 33.22
CA LYS B 361 -6.95 -3.48 34.35
C LYS B 361 -7.98 -2.96 35.36
N ASN B 362 -7.92 -1.64 35.64
CA ASN B 362 -8.67 -1.03 36.74
C ASN B 362 -9.96 -0.37 36.29
N ALA B 363 -10.06 0.05 35.02
CA ALA B 363 -11.20 0.87 34.59
C ALA B 363 -11.91 0.33 33.34
N GLY B 364 -11.35 -0.68 32.68
CA GLY B 364 -11.88 -1.21 31.41
C GLY B 364 -11.93 -0.18 30.29
N VAL B 365 -10.97 0.76 30.29
CA VAL B 365 -10.86 1.83 29.29
C VAL B 365 -9.45 1.77 28.69
N ILE B 366 -9.38 1.85 27.35
CA ILE B 366 -8.11 1.83 26.63
C ILE B 366 -7.77 3.27 26.23
N ILE B 367 -6.64 3.77 26.73
CA ILE B 367 -6.11 5.09 26.34
C ILE B 367 -4.66 4.89 25.87
N GLU B 368 -3.99 5.98 25.45
CA GLU B 368 -2.56 5.92 25.20
C GLU B 368 -1.82 6.65 26.32
N GLY B 369 -0.76 6.03 26.85
CA GLY B 369 0.00 6.60 27.93
C GLY B 369 1.27 7.26 27.45
N ALA B 370 2.08 7.73 28.41
CA ALA B 370 3.33 8.46 28.15
C ALA B 370 4.29 7.66 27.26
N GLU B 371 4.27 6.32 27.39
CA GLU B 371 5.15 5.39 26.67
C GLU B 371 4.96 5.50 25.15
N GLN B 372 3.81 6.00 24.69
CA GLN B 372 3.50 6.07 23.26
C GLN B 372 3.97 7.39 22.63
N PHE B 373 4.56 8.32 23.40
CA PHE B 373 4.80 9.72 22.90
C PHE B 373 6.27 10.15 23.05
N VAL B 374 7.16 9.16 23.13
CA VAL B 374 8.62 9.27 22.93
C VAL B 374 9.35 9.88 24.13
N HIS B 375 8.96 11.09 24.56
CA HIS B 375 9.75 11.91 25.51
C HIS B 375 8.88 13.06 26.03
N ASN B 376 9.17 13.56 27.24
CA ASN B 376 8.56 14.78 27.76
C ASN B 376 7.03 14.60 27.90
N ALA B 377 6.62 13.39 28.31
CA ALA B 377 5.17 13.00 28.39
C ALA B 377 4.79 12.50 29.79
N GLU B 378 5.72 12.52 30.74
CA GLU B 378 5.50 11.92 32.05
C GLU B 378 4.16 12.39 32.62
N GLY B 379 3.35 11.44 33.10
CA GLY B 379 2.15 11.74 33.87
C GLY B 379 0.91 11.98 33.00
N HIS B 380 1.09 11.97 31.67
CA HIS B 380 0.00 12.31 30.72
C HIS B 380 -0.68 11.05 30.16
N ILE B 381 -1.96 11.23 29.77
CA ILE B 381 -2.61 10.29 28.88
C ILE B 381 -3.23 11.07 27.72
N ARG B 382 -3.42 10.35 26.61
CA ARG B 382 -4.13 10.86 25.44
C ARG B 382 -5.45 10.09 25.32
N ILE B 383 -6.55 10.84 25.23
CA ILE B 383 -7.89 10.29 25.12
C ILE B 383 -8.47 10.69 23.77
N ASN B 384 -8.89 9.69 23.01
CA ASN B 384 -9.53 9.89 21.75
C ASN B 384 -11.02 10.14 22.02
N ILE B 385 -11.53 11.33 21.68
CA ILE B 385 -12.95 11.65 21.91
C ILE B 385 -13.74 11.83 20.62
N ALA B 386 -13.23 11.29 19.51
CA ALA B 386 -14.01 11.21 18.25
C ALA B 386 -14.95 10.00 18.35
N VAL B 387 -15.84 10.08 19.35
CA VAL B 387 -16.76 9.01 19.71
C VAL B 387 -18.09 9.68 20.04
N PRO B 388 -19.23 8.96 19.96
CA PRO B 388 -20.50 9.54 20.41
C PRO B 388 -20.34 10.05 21.85
N ARG B 389 -20.98 11.19 22.14
CA ARG B 389 -20.87 11.84 23.47
C ARG B 389 -21.17 10.82 24.59
N GLU B 390 -22.17 9.97 24.38
CA GLU B 390 -22.59 9.00 25.42
C GLU B 390 -21.46 8.00 25.70
N VAL B 391 -20.68 7.66 24.65
CA VAL B 391 -19.60 6.73 24.84
C VAL B 391 -18.48 7.40 25.66
N MET B 392 -18.20 8.67 25.33
CA MET B 392 -17.17 9.43 26.02
C MET B 392 -17.52 9.53 27.52
N LYS B 393 -18.78 9.86 27.81
CA LYS B 393 -19.29 10.01 29.22
C LYS B 393 -19.04 8.73 30.01
N LYS B 394 -19.39 7.57 29.45
CA LYS B 394 -19.12 6.29 30.09
C LYS B 394 -17.63 6.16 30.41
N GLY B 395 -16.76 6.37 29.41
CA GLY B 395 -15.34 6.13 29.58
C GLY B 395 -14.75 7.02 30.67
N LEU B 396 -15.19 8.27 30.69
CA LEU B 396 -14.70 9.26 31.62
C LEU B 396 -15.11 8.88 33.04
N GLN B 397 -16.34 8.36 33.18
CA GLN B 397 -16.86 7.89 34.45
C GLN B 397 -15.92 6.81 35.01
N LYS B 398 -15.48 5.88 34.16
CA LYS B 398 -14.65 4.79 34.60
C LYS B 398 -13.22 5.27 34.92
N ILE B 399 -12.70 6.19 34.12
CA ILE B 399 -11.40 6.80 34.40
C ILE B 399 -11.43 7.49 35.78
N LYS B 400 -12.49 8.27 36.05
CA LYS B 400 -12.62 9.03 37.31
C LYS B 400 -12.61 8.05 38.51
N ALA B 401 -13.43 6.99 38.41
CA ALA B 401 -13.59 5.97 39.46
C ALA B 401 -12.27 5.29 39.79
N ALA B 402 -11.40 5.12 38.79
CA ALA B 402 -10.15 4.50 39.00
C ALA B 402 -9.16 5.43 39.72
N LEU B 403 -9.36 6.75 39.66
CA LEU B 403 -8.32 7.70 40.14
C LEU B 403 -8.64 8.27 41.53
N VAL B 404 -9.91 8.58 41.78
CA VAL B 404 -10.33 9.38 42.92
C VAL B 404 -10.13 8.56 44.21
N GLU B 405 -9.53 9.20 45.22
CA GLU B 405 -8.91 8.56 46.42
C GLU B 405 -8.53 7.10 46.13
N HIS C 1 3.31 5.40 -16.39
CA HIS C 1 4.46 4.46 -16.42
C HIS C 1 4.15 3.22 -15.58
N HIS C 2 3.71 2.15 -16.25
CA HIS C 2 3.37 0.88 -15.60
C HIS C 2 4.64 0.22 -15.04
N HIS C 3 4.61 -0.15 -13.75
CA HIS C 3 5.77 -0.70 -13.06
C HIS C 3 6.21 -2.05 -13.66
N HIS C 4 5.34 -2.73 -14.43
CA HIS C 4 5.72 -3.93 -15.20
C HIS C 4 6.70 -3.58 -16.33
N HIS C 5 6.78 -2.29 -16.71
CA HIS C 5 7.53 -1.86 -17.91
C HIS C 5 8.92 -1.30 -17.57
N HIS C 6 9.81 -1.29 -18.60
CA HIS C 6 11.16 -0.64 -18.66
C HIS C 6 11.90 -1.20 -19.88
#